data_6BZM
# 
_entry.id   6BZM 
# 
_audit_conform.dict_name       mmcif_pdbx.dic 
_audit_conform.dict_version    5.387 
_audit_conform.dict_location   http://mmcif.pdb.org/dictionaries/ascii/mmcif_pdbx.dic 
# 
loop_
_database_2.database_id 
_database_2.database_code 
_database_2.pdbx_database_accession 
_database_2.pdbx_DOI 
PDB   6BZM         pdb_00006bzm 10.2210/pdb6bzm/pdb 
WWPDB D_1000231824 ?            ?                   
# 
loop_
_pdbx_audit_revision_history.ordinal 
_pdbx_audit_revision_history.data_content_type 
_pdbx_audit_revision_history.major_revision 
_pdbx_audit_revision_history.minor_revision 
_pdbx_audit_revision_history.revision_date 
1 'Structure model' 1 0 2018-04-04 
2 'Structure model' 1 1 2018-04-25 
3 'Structure model' 1 2 2019-11-06 
4 'Structure model' 1 3 2019-11-20 
5 'Structure model' 1 4 2021-06-30 
6 'Structure model' 1 5 2024-03-13 
# 
_pdbx_audit_revision_details.ordinal             1 
_pdbx_audit_revision_details.revision_ordinal    1 
_pdbx_audit_revision_details.data_content_type   'Structure model' 
_pdbx_audit_revision_details.provider            repository 
_pdbx_audit_revision_details.type                'Initial release' 
_pdbx_audit_revision_details.description         ? 
_pdbx_audit_revision_details.details             ? 
# 
loop_
_pdbx_audit_revision_group.ordinal 
_pdbx_audit_revision_group.revision_ordinal 
_pdbx_audit_revision_group.data_content_type 
_pdbx_audit_revision_group.group 
1 2 'Structure model' 'Data collection'            
2 3 'Structure model' 'Author supporting evidence' 
3 3 'Structure model' 'Data collection'            
4 4 'Structure model' 'Author supporting evidence' 
5 5 'Structure model' 'Data collection'            
6 6 'Structure model' 'Data collection'            
7 6 'Structure model' 'Database references'        
# 
loop_
_pdbx_audit_revision_category.ordinal 
_pdbx_audit_revision_category.revision_ordinal 
_pdbx_audit_revision_category.data_content_type 
_pdbx_audit_revision_category.category 
1 2 'Structure model' diffrn_source      
2 3 'Structure model' pdbx_audit_support 
3 4 'Structure model' pdbx_audit_support 
4 5 'Structure model' diffrn_detector    
5 6 'Structure model' chem_comp_atom     
6 6 'Structure model' chem_comp_bond     
7 6 'Structure model' database_2         
# 
loop_
_pdbx_audit_revision_item.ordinal 
_pdbx_audit_revision_item.revision_ordinal 
_pdbx_audit_revision_item.data_content_type 
_pdbx_audit_revision_item.item 
1 2 'Structure model' '_diffrn_source.source'                    
2 3 'Structure model' '_pdbx_audit_support.funding_organization' 
3 4 'Structure model' '_pdbx_audit_support.funding_organization' 
4 5 'Structure model' '_diffrn_detector.detector'                
5 6 'Structure model' '_database_2.pdbx_DOI'                     
6 6 'Structure model' '_database_2.pdbx_database_accession'      
# 
_pdbx_database_status.status_code                     REL 
_pdbx_database_status.status_code_sf                  REL 
_pdbx_database_status.status_code_mr                  ? 
_pdbx_database_status.entry_id                        6BZM 
_pdbx_database_status.recvd_initial_deposition_date   2017-12-24 
_pdbx_database_status.SG_entry                        N 
_pdbx_database_status.deposit_site                    RCSB 
_pdbx_database_status.process_site                    RCSB 
_pdbx_database_status.status_code_cs                  ? 
_pdbx_database_status.methods_development_category    ? 
_pdbx_database_status.pdb_format_compatible           Y 
_pdbx_database_status.status_code_nmr_data            ? 
# 
loop_
_audit_author.name 
_audit_author.pdbx_ordinal 
_audit_author.identifier_ORCID 
'Hughes, M.P.'    1 ? 
'Rodriguez, J.A.' 2 ? 
'Sawaya, M.R.'    3 ? 
'Cascio, D.'      4 ? 
'Chong, L.'       5 ? 
'Gonen, T.'       6 ? 
'Eisenberg, D.S.' 7 ? 
# 
_citation.abstract                  ? 
_citation.abstract_id_CAS           ? 
_citation.book_id_ISBN              ? 
_citation.book_publisher            ? 
_citation.book_publisher_city       ? 
_citation.book_title                ? 
_citation.coordinate_linkage        ? 
_citation.country                   US 
_citation.database_id_Medline       ? 
_citation.details                   ? 
_citation.id                        primary 
_citation.journal_abbrev            Science 
_citation.journal_id_ASTM           SCIEAS 
_citation.journal_id_CSD            0038 
_citation.journal_id_ISSN           1095-9203 
_citation.journal_full              ? 
_citation.journal_issue             ? 
_citation.journal_volume            359 
_citation.language                  ? 
_citation.page_first                698 
_citation.page_last                 701 
_citation.title                     
'Atomic structures of low-complexity protein segments reveal kinked beta sheets that assemble networks.' 
_citation.year                      2018 
_citation.database_id_CSD           ? 
_citation.pdbx_database_id_DOI      10.1126/science.aan6398 
_citation.pdbx_database_id_PubMed   29439243 
_citation.unpublished_flag          ? 
# 
loop_
_citation_author.citation_id 
_citation_author.name 
_citation_author.ordinal 
_citation_author.identifier_ORCID 
primary 'Hughes, M.P.'    1 ? 
primary 'Sawaya, M.R.'    2 ? 
primary 'Boyer, D.R.'     3 ? 
primary 'Goldschmidt, L.' 4 ? 
primary 'Rodriguez, J.A.' 5 ? 
primary 'Cascio, D.'      6 ? 
primary 'Chong, L.'       7 ? 
primary 'Gonen, T.'       8 ? 
primary 'Eisenberg, D.S.' 9 ? 
# 
loop_
_entity.id 
_entity.type 
_entity.src_method 
_entity.pdbx_description 
_entity.formula_weight 
_entity.pdbx_number_of_molecules 
_entity.pdbx_ec 
_entity.pdbx_mutation 
_entity.pdbx_fragment 
_entity.details 
1 polymer syn 'Nuclear pore complex protein Nup98-Nup96' 785.803 2 ? ? 'UNP residues 116-123' ? 
2 water   nat water                                      18.015  2 ? ? ?                      ? 
# 
_entity_poly.entity_id                      1 
_entity_poly.type                           'polypeptide(L)' 
_entity_poly.nstd_linkage                   no 
_entity_poly.nstd_monomer                   no 
_entity_poly.pdbx_seq_one_letter_code       GFGNFGTS 
_entity_poly.pdbx_seq_one_letter_code_can   GFGNFGTS 
_entity_poly.pdbx_strand_id                 A,B 
_entity_poly.pdbx_target_identifier         ? 
# 
_pdbx_entity_nonpoly.entity_id   2 
_pdbx_entity_nonpoly.name        water 
_pdbx_entity_nonpoly.comp_id     HOH 
# 
loop_
_entity_poly_seq.entity_id 
_entity_poly_seq.num 
_entity_poly_seq.mon_id 
_entity_poly_seq.hetero 
1 1 GLY n 
1 2 PHE n 
1 3 GLY n 
1 4 ASN n 
1 5 PHE n 
1 6 GLY n 
1 7 THR n 
1 8 SER n 
# 
_pdbx_entity_src_syn.entity_id              1 
_pdbx_entity_src_syn.pdbx_src_id            1 
_pdbx_entity_src_syn.pdbx_alt_source_flag   sample 
_pdbx_entity_src_syn.pdbx_beg_seq_num       1 
_pdbx_entity_src_syn.pdbx_end_seq_num       8 
_pdbx_entity_src_syn.organism_scientific    'Homo sapiens' 
_pdbx_entity_src_syn.organism_common_name   Human 
_pdbx_entity_src_syn.ncbi_taxonomy_id       9606 
_pdbx_entity_src_syn.details                ? 
# 
loop_
_chem_comp.id 
_chem_comp.type 
_chem_comp.mon_nstd_flag 
_chem_comp.name 
_chem_comp.pdbx_synonyms 
_chem_comp.formula 
_chem_comp.formula_weight 
ASN 'L-peptide linking' y ASPARAGINE    ? 'C4 H8 N2 O3' 132.118 
GLY 'peptide linking'   y GLYCINE       ? 'C2 H5 N O2'  75.067  
HOH non-polymer         . WATER         ? 'H2 O'        18.015  
PHE 'L-peptide linking' y PHENYLALANINE ? 'C9 H11 N O2' 165.189 
SER 'L-peptide linking' y SERINE        ? 'C3 H7 N O3'  105.093 
THR 'L-peptide linking' y THREONINE     ? 'C4 H9 N O3'  119.119 
# 
loop_
_pdbx_poly_seq_scheme.asym_id 
_pdbx_poly_seq_scheme.entity_id 
_pdbx_poly_seq_scheme.seq_id 
_pdbx_poly_seq_scheme.mon_id 
_pdbx_poly_seq_scheme.ndb_seq_num 
_pdbx_poly_seq_scheme.pdb_seq_num 
_pdbx_poly_seq_scheme.auth_seq_num 
_pdbx_poly_seq_scheme.pdb_mon_id 
_pdbx_poly_seq_scheme.auth_mon_id 
_pdbx_poly_seq_scheme.pdb_strand_id 
_pdbx_poly_seq_scheme.pdb_ins_code 
_pdbx_poly_seq_scheme.hetero 
A 1 1 GLY 1 1 1 GLY GLY A . n 
A 1 2 PHE 2 2 2 PHE PHE A . n 
A 1 3 GLY 3 3 3 GLY GLY A . n 
A 1 4 ASN 4 4 4 ASN ASN A . n 
A 1 5 PHE 5 5 5 PHE PHE A . n 
A 1 6 GLY 6 6 6 GLY GLY A . n 
A 1 7 THR 7 7 7 THR THR A . n 
A 1 8 SER 8 8 8 SER SER A . n 
B 1 1 GLY 1 1 1 GLY GLY B . n 
B 1 2 PHE 2 2 2 PHE PHE B . n 
B 1 3 GLY 3 3 3 GLY GLY B . n 
B 1 4 ASN 4 4 4 ASN ASN B . n 
B 1 5 PHE 5 5 5 PHE PHE B . n 
B 1 6 GLY 6 6 6 GLY GLY B . n 
B 1 7 THR 7 7 7 THR THR B . n 
B 1 8 SER 8 8 8 SER SER B . n 
# 
loop_
_pdbx_nonpoly_scheme.asym_id 
_pdbx_nonpoly_scheme.entity_id 
_pdbx_nonpoly_scheme.mon_id 
_pdbx_nonpoly_scheme.ndb_seq_num 
_pdbx_nonpoly_scheme.pdb_seq_num 
_pdbx_nonpoly_scheme.auth_seq_num 
_pdbx_nonpoly_scheme.pdb_mon_id 
_pdbx_nonpoly_scheme.auth_mon_id 
_pdbx_nonpoly_scheme.pdb_strand_id 
_pdbx_nonpoly_scheme.pdb_ins_code 
C 2 HOH 1 101 1 HOH HOH A . 
D 2 HOH 1 101 2 HOH HOH B . 
# 
loop_
_software.citation_id 
_software.classification 
_software.compiler_name 
_software.compiler_version 
_software.contact_author 
_software.contact_author_email 
_software.date 
_software.description 
_software.dependencies 
_software.hardware 
_software.language 
_software.location 
_software.mods 
_software.name 
_software.os 
_software.os_version 
_software.type 
_software.version 
_software.pdbx_ordinal 
? 'data scaling'    ? ? 'Wolfgang Kabsch' ?                                ?              ? ? ? ?   
http://www.mpimf-heidelberg.mpg.de/~kabsch/xds/html_doc/xscale_program.html ? XSCALE      ? ? package .      1 
? refinement        ? ? 'Gerard Bricogne' buster-develop@GlobalPhasing.com ?              ? ? ? ?   
http://www.globalphasing.com/buster/                                        ? BUSTER      ? ? program 2.10.3 2 
? 'data extraction' ? ? PDB               deposit@deposit.rcsb.org         'Sep. 1, 2017' ? ? ? C++ 
http://sw-tools.pdb.org/apps/PDB_EXTRACT/                                   ? PDB_EXTRACT ? ? package 3.24   3 
# 
_cell.angle_alpha                  93.140 
_cell.angle_alpha_esd              ? 
_cell.angle_beta                   92.730 
_cell.angle_beta_esd               ? 
_cell.angle_gamma                  97.150 
_cell.angle_gamma_esd              ? 
_cell.entry_id                     6BZM 
_cell.details                      ? 
_cell.formula_units_Z              ? 
_cell.length_a                     4.790 
_cell.length_a_esd                 ? 
_cell.length_b                     18.240 
_cell.length_b_esd                 ? 
_cell.length_c                     26.440 
_cell.length_c_esd                 ? 
_cell.volume                       ? 
_cell.volume_esd                   ? 
_cell.Z_PDB                        2 
_cell.reciprocal_angle_alpha       ? 
_cell.reciprocal_angle_beta        ? 
_cell.reciprocal_angle_gamma       ? 
_cell.reciprocal_angle_alpha_esd   ? 
_cell.reciprocal_angle_beta_esd    ? 
_cell.reciprocal_angle_gamma_esd   ? 
_cell.reciprocal_length_a          ? 
_cell.reciprocal_length_b          ? 
_cell.reciprocal_length_c          ? 
_cell.reciprocal_length_a_esd      ? 
_cell.reciprocal_length_b_esd      ? 
_cell.reciprocal_length_c_esd      ? 
_cell.pdbx_unique_axis             ? 
# 
_symmetry.entry_id                         6BZM 
_symmetry.cell_setting                     ? 
_symmetry.Int_Tables_number                1 
_symmetry.space_group_name_Hall            ? 
_symmetry.space_group_name_H-M             'P 1' 
_symmetry.pdbx_full_space_group_name_H-M   ? 
# 
_exptl.absorpt_coefficient_mu     ? 
_exptl.absorpt_correction_T_max   ? 
_exptl.absorpt_correction_T_min   ? 
_exptl.absorpt_correction_type    ? 
_exptl.absorpt_process_details    ? 
_exptl.entry_id                   6BZM 
_exptl.crystals_number            ? 
_exptl.details                    ? 
_exptl.method                     'ELECTRON CRYSTALLOGRAPHY' 
_exptl.method_details             ? 
# 
_exptl_crystal.colour                      ? 
_exptl_crystal.density_diffrn              ? 
_exptl_crystal.density_Matthews            1.45 
_exptl_crystal.density_method              ? 
_exptl_crystal.density_percent_sol         15.41 
_exptl_crystal.description                 ? 
_exptl_crystal.F_000                       ? 
_exptl_crystal.id                          1 
_exptl_crystal.preparation                 ? 
_exptl_crystal.size_max                    ? 
_exptl_crystal.size_mid                    ? 
_exptl_crystal.size_min                    ? 
_exptl_crystal.size_rad                    ? 
_exptl_crystal.colour_lustre               ? 
_exptl_crystal.colour_modifier             ? 
_exptl_crystal.colour_primary              ? 
_exptl_crystal.density_meas                ? 
_exptl_crystal.density_meas_esd            ? 
_exptl_crystal.density_meas_gt             ? 
_exptl_crystal.density_meas_lt             ? 
_exptl_crystal.density_meas_temp           ? 
_exptl_crystal.density_meas_temp_esd       ? 
_exptl_crystal.density_meas_temp_gt        ? 
_exptl_crystal.density_meas_temp_lt        ? 
_exptl_crystal.pdbx_crystal_image_url      ? 
_exptl_crystal.pdbx_crystal_image_format   ? 
_exptl_crystal.pdbx_mosaicity              ? 
_exptl_crystal.pdbx_mosaicity_esd          ? 
# 
_exptl_crystal_grow.apparatus       ? 
_exptl_crystal_grow.atmosphere      ? 
_exptl_crystal_grow.crystal_id      1 
_exptl_crystal_grow.details         ? 
_exptl_crystal_grow.method          'VAPOR DIFFUSION, HANGING DROP' 
_exptl_crystal_grow.method_ref      ? 
_exptl_crystal_grow.pH              9.5 
_exptl_crystal_grow.pressure        ? 
_exptl_crystal_grow.pressure_esd    ? 
_exptl_crystal_grow.seeding         ? 
_exptl_crystal_grow.seeding_ref     ? 
_exptl_crystal_grow.temp            298 
_exptl_crystal_grow.temp_details    ? 
_exptl_crystal_grow.temp_esd        ? 
_exptl_crystal_grow.time            ? 
_exptl_crystal_grow.pdbx_details    '0.1 M CHES, pH 9.5, 10% ethanol' 
_exptl_crystal_grow.pdbx_pH_range   ? 
# 
_diffrn.ambient_environment              ? 
_diffrn.ambient_temp                     100 
_diffrn.ambient_temp_details             ? 
_diffrn.ambient_temp_esd                 ? 
_diffrn.crystal_id                       1 
_diffrn.crystal_support                  ? 
_diffrn.crystal_treatment                ? 
_diffrn.details                          ? 
_diffrn.id                               1 
_diffrn.ambient_pressure                 ? 
_diffrn.ambient_pressure_esd             ? 
_diffrn.ambient_pressure_gt              ? 
_diffrn.ambient_pressure_lt              ? 
_diffrn.ambient_temp_gt                  ? 
_diffrn.ambient_temp_lt                  ? 
_diffrn.pdbx_serial_crystal_experiment   ? 
# 
_diffrn_detector.details                      ? 
_diffrn_detector.detector                     CMOS 
_diffrn_detector.diffrn_id                    1 
_diffrn_detector.type                         'TVIPS F416 CMOS CAMERA' 
_diffrn_detector.area_resol_mean              ? 
_diffrn_detector.dtime                        ? 
_diffrn_detector.pdbx_frames_total            ? 
_diffrn_detector.pdbx_collection_time_total   ? 
_diffrn_detector.pdbx_collection_date         2017-03-23 
# 
_diffrn_radiation_wavelength.id           1 
_diffrn_radiation_wavelength.wavelength   0.0251 
_diffrn_radiation_wavelength.wt           1.0 
# 
_diffrn_source.current                     ? 
_diffrn_source.details                     ? 
_diffrn_source.diffrn_id                   1 
_diffrn_source.power                       ? 
_diffrn_source.size                        ? 
_diffrn_source.source                      'ELECTRON MICROSCOPE' 
_diffrn_source.target                      ? 
_diffrn_source.type                        'TECNAI F20 TEM' 
_diffrn_source.voltage                     ? 
_diffrn_source.take-off_angle              ? 
_diffrn_source.pdbx_wavelength_list        0.0251 
_diffrn_source.pdbx_wavelength             ? 
_diffrn_source.pdbx_synchrotron_beamline   ? 
_diffrn_source.pdbx_synchrotron_site       ? 
# 
_reflns.B_iso_Wilson_estimate            3.450 
_reflns.entry_id                         6BZM 
_reflns.data_reduction_details           ? 
_reflns.data_reduction_method            ? 
_reflns.d_resolution_high                0.900 
_reflns.d_resolution_low                 26.360 
_reflns.details                          ? 
_reflns.limit_h_max                      ? 
_reflns.limit_h_min                      ? 
_reflns.limit_k_max                      ? 
_reflns.limit_k_min                      ? 
_reflns.limit_l_max                      ? 
_reflns.limit_l_min                      ? 
_reflns.number_all                       ? 
_reflns.number_obs                       5800 
_reflns.observed_criterion               ? 
_reflns.observed_criterion_F_max         ? 
_reflns.observed_criterion_F_min         ? 
_reflns.observed_criterion_I_max         ? 
_reflns.observed_criterion_I_min         ? 
_reflns.observed_criterion_sigma_F       ? 
_reflns.observed_criterion_sigma_I       ? 
_reflns.percent_possible_obs             88.000 
_reflns.R_free_details                   ? 
_reflns.Rmerge_F_all                     ? 
_reflns.Rmerge_F_obs                     ? 
_reflns.Friedel_coverage                 ? 
_reflns.number_gt                        ? 
_reflns.threshold_expression             ? 
_reflns.pdbx_redundancy                  5.461 
_reflns.pdbx_Rmerge_I_obs                0.289 
_reflns.pdbx_Rmerge_I_all                ? 
_reflns.pdbx_Rsym_value                  ? 
_reflns.pdbx_netI_over_av_sigmaI         ? 
_reflns.pdbx_netI_over_sigmaI            3.510 
_reflns.pdbx_res_netI_over_av_sigmaI_2   ? 
_reflns.pdbx_res_netI_over_sigmaI_2      ? 
_reflns.pdbx_chi_squared                 0.739 
_reflns.pdbx_scaling_rejects             21 
_reflns.pdbx_d_res_high_opt              ? 
_reflns.pdbx_d_res_low_opt               ? 
_reflns.pdbx_d_res_opt_method            ? 
_reflns.phase_calculation_details        ? 
_reflns.pdbx_Rrim_I_all                  0.313 
_reflns.pdbx_Rpim_I_all                  ? 
_reflns.pdbx_d_opt                       ? 
_reflns.pdbx_number_measured_all         31674 
_reflns.pdbx_diffrn_id                   1 
_reflns.pdbx_ordinal                     1 
_reflns.pdbx_CC_half                     0.976 
_reflns.pdbx_R_split                     ? 
# 
loop_
_reflns_shell.d_res_high 
_reflns_shell.d_res_low 
_reflns_shell.meanI_over_sigI_all 
_reflns_shell.meanI_over_sigI_obs 
_reflns_shell.number_measured_all 
_reflns_shell.number_measured_obs 
_reflns_shell.number_possible 
_reflns_shell.number_unique_all 
_reflns_shell.number_unique_obs 
_reflns_shell.percent_possible_all 
_reflns_shell.percent_possible_obs 
_reflns_shell.Rmerge_F_all 
_reflns_shell.Rmerge_F_obs 
_reflns_shell.Rmerge_I_all 
_reflns_shell.Rmerge_I_obs 
_reflns_shell.meanI_over_sigI_gt 
_reflns_shell.meanI_over_uI_all 
_reflns_shell.meanI_over_uI_gt 
_reflns_shell.number_measured_gt 
_reflns_shell.number_unique_gt 
_reflns_shell.percent_possible_gt 
_reflns_shell.Rmerge_F_gt 
_reflns_shell.Rmerge_I_gt 
_reflns_shell.pdbx_redundancy 
_reflns_shell.pdbx_Rsym_value 
_reflns_shell.pdbx_chi_squared 
_reflns_shell.pdbx_netI_over_sigmaI_all 
_reflns_shell.pdbx_netI_over_sigmaI_obs 
_reflns_shell.pdbx_Rrim_I_all 
_reflns_shell.pdbx_Rpim_I_all 
_reflns_shell.pdbx_rejects 
_reflns_shell.pdbx_ordinal 
_reflns_shell.pdbx_diffrn_id 
_reflns_shell.pdbx_CC_half 
_reflns_shell.pdbx_R_split 
0.900 0.920  ? 1.120 ? 691  517 ? 247 47.800 ? ? ? ? 0.588 ? ? ? ? ? ? ? ? 2.798 ? ? ? ? 0.717 ? ? 1  1 0.546 ? 
0.920 0.950  ? 1.300 ? 1056 518 ? 382 73.700 ? ? ? ? 0.417 ? ? ? ? ? ? ? ? 2.764 ? ? ? ? 0.507 ? ? 2  1 0.851 ? 
0.950 0.980  ? 1.300 ? 1311 440 ? 368 83.600 ? ? ? ? 0.591 ? ? ? ? ? ? ? ? 3.562 ? ? ? ? 0.685 ? ? 3  1 0.721 ? 
0.980 1.010  ? 1.390 ? 1466 412 ? 374 90.800 ? ? ? ? 0.653 ? ? ? ? ? ? ? ? 3.920 ? ? ? ? 0.751 ? ? 4  1 0.595 ? 
1.010 1.040  ? 2.010 ? 2020 423 ? 393 92.900 ? ? ? ? 0.549 ? ? ? ? ? ? ? ? 5.140 ? ? ? ? 0.605 ? ? 5  1 0.782 ? 
1.040 1.080  ? 2.580 ? 2197 422 ? 399 94.500 ? ? ? ? 0.473 ? ? ? ? ? ? ? ? 5.506 ? ? ? ? 0.518 ? ? 6  1 0.886 ? 
1.080 1.120  ? 2.790 ? 2296 408 ? 385 94.400 ? ? ? ? 0.471 ? ? ? ? ? ? ? ? 5.964 ? ? ? ? 0.511 ? ? 7  1 0.835 ? 
1.120 1.160  ? 3.150 ? 2716 410 ? 390 95.100 ? ? ? ? 0.471 ? ? ? ? ? ? ? ? 6.964 ? ? ? ? 0.506 ? ? 8  1 0.862 ? 
1.160 1.210  ? 3.600 ? 2551 401 ? 378 94.300 ? ? ? ? 0.412 ? ? ? ? ? ? ? ? 6.749 ? ? ? ? 0.447 ? ? 9  1 0.889 ? 
1.210 1.270  ? 3.620 ? 1730 321 ? 297 92.500 ? ? ? ? 0.405 ? ? ? ? ? ? ? ? 5.825 ? ? ? ? 0.441 ? ? 10 1 0.866 ? 
1.270 1.340  ? 3.820 ? 1841 322 ? 308 95.700 ? ? ? ? 0.385 ? ? ? ? ? ? ? ? 5.977 ? ? ? ? 0.417 ? ? 11 1 0.953 ? 
1.340 1.420  ? 3.860 ? 1942 316 ? 302 95.600 ? ? ? ? 0.425 ? ? ? ? ? ? ? ? 6.430 ? ? ? ? 0.459 ? ? 12 1 0.828 ? 
1.420 1.520  ? 5.030 ? 2174 332 ? 318 95.800 ? ? ? ? 0.320 ? ? ? ? ? ? ? ? 6.836 ? ? ? ? 0.345 ? ? 13 1 0.912 ? 
1.520 1.640  ? 5.710 ? 1882 295 ? 280 94.900 ? ? ? ? 0.261 ? ? ? ? ? ? ? ? 6.721 ? ? ? ? 0.281 ? ? 14 1 0.963 ? 
1.640 1.800  ? 5.230 ? 1098 227 ? 213 93.800 ? ? ? ? 0.288 ? ? ? ? ? ? ? ? 5.155 ? ? ? ? 0.317 ? ? 15 1 0.881 ? 
1.800 2.010  ? 6.170 ? 1261 233 ? 215 92.300 ? ? ? ? 0.249 ? ? ? ? ? ? ? ? 5.865 ? ? ? ? 0.272 ? ? 16 1 0.946 ? 
2.010 2.320  ? 7.360 ? 1484 226 ? 211 93.400 ? ? ? ? 0.231 ? ? ? ? ? ? ? ? 7.033 ? ? ? ? 0.249 ? ? 17 1 0.974 ? 
2.320 2.850  ? 6.840 ? 779  155 ? 142 91.600 ? ? ? ? 0.211 ? ? ? ? ? ? ? ? 5.486 ? ? ? ? 0.231 ? ? 18 1 0.944 ? 
2.850 4.030  ? 7.450 ? 756  142 ? 135 95.100 ? ? ? ? 0.216 ? ? ? ? ? ? ? ? 5.600 ? ? ? ? 0.235 ? ? 19 1 0.966 ? 
4.030 26.360 ? 8.130 ? 423  72  ? 63  87.500 ? ? ? ? 0.255 ? ? ? ? ? ? ? ? 6.714 ? ? ? ? 0.270 ? ? 20 1 0.972 ? 
# 
_refine.aniso_B[1][1]                            1.2892 
_refine.aniso_B[1][2]                            -0.6176 
_refine.aniso_B[1][3]                            -0.3092 
_refine.aniso_B[2][2]                            0.6422 
_refine.aniso_B[2][3]                            -0.3355 
_refine.aniso_B[3][3]                            -1.9314 
_refine.B_iso_max                                59.410 
_refine.B_iso_mean                               8.0200 
_refine.B_iso_min                                3.000 
_refine.correlation_coeff_Fo_to_Fc               0.9110 
_refine.correlation_coeff_Fo_to_Fc_free          0.8950 
_refine.details                                  ? 
_refine.diff_density_max                         ? 
_refine.diff_density_max_esd                     ? 
_refine.diff_density_min                         ? 
_refine.diff_density_min_esd                     ? 
_refine.diff_density_rms                         ? 
_refine.diff_density_rms_esd                     ? 
_refine.entry_id                                 6BZM 
_refine.pdbx_refine_id                           'ELECTRON CRYSTALLOGRAPHY' 
_refine.ls_abs_structure_details                 ? 
_refine.ls_abs_structure_Flack                   ? 
_refine.ls_abs_structure_Flack_esd               ? 
_refine.ls_abs_structure_Rogers                  ? 
_refine.ls_abs_structure_Rogers_esd              ? 
_refine.ls_d_res_high                            0.9000 
_refine.ls_d_res_low                             26.3600 
_refine.ls_extinction_coef                       ? 
_refine.ls_extinction_coef_esd                   ? 
_refine.ls_extinction_expression                 ? 
_refine.ls_extinction_method                     ? 
_refine.ls_goodness_of_fit_all                   ? 
_refine.ls_goodness_of_fit_all_esd               ? 
_refine.ls_goodness_of_fit_obs                   ? 
_refine.ls_goodness_of_fit_obs_esd               ? 
_refine.ls_hydrogen_treatment                    ? 
_refine.ls_matrix_type                           ? 
_refine.ls_number_constraints                    ? 
_refine.ls_number_parameters                     ? 
_refine.ls_number_reflns_all                     ? 
_refine.ls_number_reflns_obs                     5799 
_refine.ls_number_reflns_R_free                  580 
_refine.ls_number_reflns_R_work                  ? 
_refine.ls_number_restraints                     ? 
_refine.ls_percent_reflns_obs                    87.9000 
_refine.ls_percent_reflns_R_free                 10.0000 
_refine.ls_R_factor_all                          ? 
_refine.ls_R_factor_obs                          0.2300 
_refine.ls_R_factor_R_free                       0.2640 
_refine.ls_R_factor_R_free_error                 ? 
_refine.ls_R_factor_R_free_error_details         ? 
_refine.ls_R_factor_R_work                       0.2260 
_refine.ls_R_Fsqd_factor_obs                     ? 
_refine.ls_R_I_factor_obs                        ? 
_refine.ls_redundancy_reflns_all                 ? 
_refine.ls_redundancy_reflns_obs                 ? 
_refine.ls_restrained_S_all                      ? 
_refine.ls_restrained_S_obs                      ? 
_refine.ls_shift_over_esd_max                    ? 
_refine.ls_shift_over_esd_mean                   ? 
_refine.ls_structure_factor_coef                 ? 
_refine.ls_weighting_details                     ? 
_refine.ls_weighting_scheme                      ? 
_refine.ls_wR_factor_all                         ? 
_refine.ls_wR_factor_obs                         ? 
_refine.ls_wR_factor_R_free                      ? 
_refine.ls_wR_factor_R_work                      ? 
_refine.occupancy_max                            ? 
_refine.occupancy_min                            ? 
_refine.solvent_model_details                    ? 
_refine.solvent_model_param_bsol                 ? 
_refine.solvent_model_param_ksol                 ? 
_refine.ls_R_factor_gt                           ? 
_refine.ls_goodness_of_fit_gt                    ? 
_refine.ls_goodness_of_fit_ref                   ? 
_refine.ls_shift_over_su_max                     ? 
_refine.ls_shift_over_su_max_lt                  ? 
_refine.ls_shift_over_su_mean                    ? 
_refine.ls_shift_over_su_mean_lt                 ? 
_refine.pdbx_ls_sigma_I                          ? 
_refine.pdbx_ls_sigma_F                          0.000 
_refine.pdbx_ls_sigma_Fsqd                       ? 
_refine.pdbx_data_cutoff_high_absF               ? 
_refine.pdbx_data_cutoff_high_rms_absF           ? 
_refine.pdbx_data_cutoff_low_absF                ? 
_refine.pdbx_isotropic_thermal_model             ? 
_refine.pdbx_ls_cross_valid_method               THROUGHOUT 
_refine.pdbx_method_to_determine_struct          'AB INITIO PHASING' 
_refine.pdbx_starting_model                      ? 
_refine.pdbx_stereochemistry_target_values       ? 
_refine.pdbx_R_Free_selection_details            RANDOM 
_refine.pdbx_stereochem_target_val_spec_case     ? 
_refine.pdbx_overall_ESU_R                       ? 
_refine.pdbx_overall_ESU_R_Free                  ? 
_refine.pdbx_solvent_vdw_probe_radii             ? 
_refine.pdbx_solvent_ion_probe_radii             ? 
_refine.pdbx_solvent_shrinkage_radii             ? 
_refine.pdbx_real_space_R                        ? 
_refine.pdbx_density_correlation                 ? 
_refine.pdbx_pd_number_of_powder_patterns        ? 
_refine.pdbx_pd_number_of_points                 ? 
_refine.pdbx_pd_meas_number_of_points            ? 
_refine.pdbx_pd_proc_ls_prof_R_factor            ? 
_refine.pdbx_pd_proc_ls_prof_wR_factor           ? 
_refine.pdbx_pd_Marquardt_correlation_coeff      ? 
_refine.pdbx_pd_Fsqrd_R_factor                   ? 
_refine.pdbx_pd_ls_matrix_band_width             ? 
_refine.pdbx_overall_phase_error                 ? 
_refine.pdbx_overall_SU_R_free_Cruickshank_DPI   0.0350 
_refine.pdbx_overall_SU_R_free_Blow_DPI          0.0330 
_refine.pdbx_overall_SU_R_Blow_DPI               0.0300 
_refine.pdbx_TLS_residual_ADP_flag               ? 
_refine.pdbx_diffrn_id                           1 
_refine.overall_SU_B                             ? 
_refine.overall_SU_ML                            ? 
_refine.overall_SU_R_Cruickshank_DPI             0.0320 
_refine.overall_SU_R_free                        ? 
_refine.overall_FOM_free_R_set                   ? 
_refine.overall_FOM_work_R_set                   ? 
_refine.pdbx_average_fsc_overall                 ? 
_refine.pdbx_average_fsc_work                    ? 
_refine.pdbx_average_fsc_free                    ? 
# 
_refine_analyze.entry_id                        6BZM 
_refine_analyze.pdbx_refine_id                  'ELECTRON CRYSTALLOGRAPHY' 
_refine_analyze.Luzzati_coordinate_error_free   ? 
_refine_analyze.Luzzati_coordinate_error_obs    0.190 
_refine_analyze.Luzzati_d_res_low_free          ? 
_refine_analyze.Luzzati_d_res_low_obs           ? 
_refine_analyze.Luzzati_sigma_a_free            ? 
_refine_analyze.Luzzati_sigma_a_free_details    ? 
_refine_analyze.Luzzati_sigma_a_obs             ? 
_refine_analyze.Luzzati_sigma_a_obs_details     ? 
_refine_analyze.number_disordered_residues      ? 
_refine_analyze.occupancy_sum_hydrogen          ? 
_refine_analyze.occupancy_sum_non_hydrogen      ? 
_refine_analyze.RG_d_res_high                   ? 
_refine_analyze.RG_d_res_low                    ? 
_refine_analyze.RG_free                         ? 
_refine_analyze.RG_work                         ? 
_refine_analyze.RG_free_work_ratio              ? 
_refine_analyze.pdbx_Luzzati_d_res_high_obs     ? 
# 
_refine_hist.cycle_id                         final 
_refine_hist.pdbx_refine_id                   'ELECTRON CRYSTALLOGRAPHY' 
_refine_hist.d_res_high                       0.9000 
_refine_hist.d_res_low                        26.3600 
_refine_hist.pdbx_number_atoms_ligand         0 
_refine_hist.number_atoms_solvent             3 
_refine_hist.number_atoms_total               115 
_refine_hist.pdbx_number_residues_total       16 
_refine_hist.pdbx_B_iso_mean_solvent          14.39 
_refine_hist.pdbx_number_atoms_protein        112 
_refine_hist.pdbx_number_atoms_nucleic_acid   0 
# 
loop_
_refine_ls_restr.pdbx_refine_id 
_refine_ls_restr.criterion 
_refine_ls_restr.dev_ideal 
_refine_ls_restr.dev_ideal_target 
_refine_ls_restr.number 
_refine_ls_restr.rejects 
_refine_ls_restr.type 
_refine_ls_restr.weight 
_refine_ls_restr.pdbx_restraint_function 
'ELECTRON CRYSTALLOGRAPHY' ? ?      ? 32  ? t_dihedral_angle_d        2.000  SINUSOIDAL   
'ELECTRON CRYSTALLOGRAPHY' ? ?      ? 4   ? t_trig_c_planes           2.000  HARMONIC     
'ELECTRON CRYSTALLOGRAPHY' ? ?      ? 34  ? t_gen_planes              5.000  HARMONIC     
'ELECTRON CRYSTALLOGRAPHY' ? ?      ? 202 ? t_it                      20.000 HARMONIC     
'ELECTRON CRYSTALLOGRAPHY' ? ?      ? ?   ? t_nbd                     ?      ?            
'ELECTRON CRYSTALLOGRAPHY' ? ?      ? ?   ? t_improper_torsion        ?      ?            
'ELECTRON CRYSTALLOGRAPHY' ? ?      ? ?   ? t_pseud_angle             ?      ?            
'ELECTRON CRYSTALLOGRAPHY' ? ?      ? 12  ? t_chiral_improper_torsion 5.000  SEMIHARMONIC 
'ELECTRON CRYSTALLOGRAPHY' ? ?      ? ?   ? t_sum_occupancies         ?      ?            
'ELECTRON CRYSTALLOGRAPHY' ? ?      ? ?   ? t_utility_distance        ?      ?            
'ELECTRON CRYSTALLOGRAPHY' ? ?      ? ?   ? t_utility_angle           ?      ?            
'ELECTRON CRYSTALLOGRAPHY' ? ?      ? ?   ? t_utility_torsion         ?      ?            
'ELECTRON CRYSTALLOGRAPHY' ? ?      ? 237 ? t_ideal_dist_contact      4.000  SEMIHARMONIC 
'ELECTRON CRYSTALLOGRAPHY' ? 0.014  ? 202 ? t_bond_d                  2.000  HARMONIC     
'ELECTRON CRYSTALLOGRAPHY' ? 1.160  ? 346 ? t_angle_deg               2.000  HARMONIC     
'ELECTRON CRYSTALLOGRAPHY' ? 3.450  ? ?   ? t_omega_torsion           ?      ?            
'ELECTRON CRYSTALLOGRAPHY' ? 13.010 ? ?   ? t_other_torsion           ?      ?            
# 
_refine_ls_shell.pdbx_refine_id                   'ELECTRON CRYSTALLOGRAPHY' 
_refine_ls_shell.d_res_high                       0.9000 
_refine_ls_shell.d_res_low                        1.0100 
_refine_ls_shell.number_reflns_all                1365 
_refine_ls_shell.number_reflns_obs                ? 
_refine_ls_shell.number_reflns_R_free             136 
_refine_ls_shell.number_reflns_R_work             1229 
_refine_ls_shell.percent_reflns_obs               72.2600 
_refine_ls_shell.percent_reflns_R_free            9.9600 
_refine_ls_shell.R_factor_all                     0.2228 
_refine_ls_shell.R_factor_obs                     ? 
_refine_ls_shell.R_factor_R_free                  0.2473 
_refine_ls_shell.R_factor_R_free_error            0.0000 
_refine_ls_shell.R_factor_R_work                  0.2200 
_refine_ls_shell.redundancy_reflns_all            ? 
_refine_ls_shell.redundancy_reflns_obs            ? 
_refine_ls_shell.wR_factor_all                    ? 
_refine_ls_shell.wR_factor_obs                    ? 
_refine_ls_shell.wR_factor_R_free                 ? 
_refine_ls_shell.wR_factor_R_work                 ? 
_refine_ls_shell.pdbx_total_number_of_bins_used   5 
_refine_ls_shell.pdbx_phase_error                 ? 
_refine_ls_shell.pdbx_fsc_work                    ? 
_refine_ls_shell.pdbx_fsc_free                    ? 
# 
_struct.entry_id                     6BZM 
_struct.title                        'GFGNFGTS from low-complexity/FG repeat domain of Nup98, residues 116-123' 
_struct.pdbx_model_details           ? 
_struct.pdbx_formula_weight          ? 
_struct.pdbx_formula_weight_method   ? 
_struct.pdbx_model_type_details      ? 
_struct.pdbx_CASP_flag               N 
# 
_struct_keywords.entry_id        6BZM 
_struct_keywords.text            'Amyloid, LARKS, Reversible-amyloid, low-complexity, FG repeat, PROTEIN FIBRIL' 
_struct_keywords.pdbx_keywords   'PROTEIN FIBRIL' 
# 
loop_
_struct_asym.id 
_struct_asym.pdbx_blank_PDB_chainid_flag 
_struct_asym.pdbx_modified 
_struct_asym.entity_id 
_struct_asym.details 
A N N 1 ? 
B N N 1 ? 
C N N 2 ? 
D N N 2 ? 
# 
_struct_ref.id                         1 
_struct_ref.db_name                    UNP 
_struct_ref.db_code                    NUP98_HUMAN 
_struct_ref.pdbx_db_accession          P52948 
_struct_ref.pdbx_db_isoform            ? 
_struct_ref.entity_id                  1 
_struct_ref.pdbx_seq_one_letter_code   GFGNFGTS 
_struct_ref.pdbx_align_begin           116 
# 
loop_
_struct_ref_seq.align_id 
_struct_ref_seq.ref_id 
_struct_ref_seq.pdbx_PDB_id_code 
_struct_ref_seq.pdbx_strand_id 
_struct_ref_seq.seq_align_beg 
_struct_ref_seq.pdbx_seq_align_beg_ins_code 
_struct_ref_seq.seq_align_end 
_struct_ref_seq.pdbx_seq_align_end_ins_code 
_struct_ref_seq.pdbx_db_accession 
_struct_ref_seq.db_align_beg 
_struct_ref_seq.pdbx_db_align_beg_ins_code 
_struct_ref_seq.db_align_end 
_struct_ref_seq.pdbx_db_align_end_ins_code 
_struct_ref_seq.pdbx_auth_seq_align_beg 
_struct_ref_seq.pdbx_auth_seq_align_end 
1 1 6BZM A 1 ? 8 ? P52948 116 ? 123 ? 1 8 
2 1 6BZM B 1 ? 8 ? P52948 116 ? 123 ? 1 8 
# 
_pdbx_struct_assembly.id                   1 
_pdbx_struct_assembly.details              author_defined_assembly 
_pdbx_struct_assembly.method_details       ? 
_pdbx_struct_assembly.oligomeric_details   decameric 
_pdbx_struct_assembly.oligomeric_count     10 
# 
loop_
_pdbx_struct_assembly_gen.assembly_id 
_pdbx_struct_assembly_gen.oper_expression 
_pdbx_struct_assembly_gen.asym_id_list 
1 1 A,B,C,D 
1 2 A,B,C,D 
1 3 A,B,C,D 
1 4 A,B,C,D 
1 5 A,B,C,D 
# 
_pdbx_struct_assembly_auth_evidence.id                     1 
_pdbx_struct_assembly_auth_evidence.assembly_id            1 
_pdbx_struct_assembly_auth_evidence.experimental_support   none 
_pdbx_struct_assembly_auth_evidence.details                ? 
# 
loop_
_pdbx_struct_oper_list.id 
_pdbx_struct_oper_list.type 
_pdbx_struct_oper_list.name 
_pdbx_struct_oper_list.symmetry_operation 
_pdbx_struct_oper_list.matrix[1][1] 
_pdbx_struct_oper_list.matrix[1][2] 
_pdbx_struct_oper_list.matrix[1][3] 
_pdbx_struct_oper_list.vector[1] 
_pdbx_struct_oper_list.matrix[2][1] 
_pdbx_struct_oper_list.matrix[2][2] 
_pdbx_struct_oper_list.matrix[2][3] 
_pdbx_struct_oper_list.vector[2] 
_pdbx_struct_oper_list.matrix[3][1] 
_pdbx_struct_oper_list.matrix[3][2] 
_pdbx_struct_oper_list.matrix[3][3] 
_pdbx_struct_oper_list.vector[3] 
1 'identity operation'         1_555 x,y,z   1.0000000000 0.0000000000 0.0000000000 0.0000000000  0.0000000000 1.0000000000 0.0000000000 0.0000000000  0.0000000000 0.0000000000 1.0000000000 0.0000000000  
2 'crystal symmetry operation' 1_655 x+1,y,z 1.0000000000 0.0000000000 0.0000000000 2.6742677148  0.0000000000 1.0000000000 0.0000000000 2.3147136168  0.0000000000 0.0000000000 1.0000000000 -3.2302465946 
3 'crystal symmetry operation' 1_455 x-1,y,z 1.0000000000 0.0000000000 0.0000000000 -2.6742677148 0.0000000000 1.0000000000 0.0000000000 -2.3147136168 0.0000000000 0.0000000000 1.0000000000 3.2302465946  
4 'crystal symmetry operation' 1_755 x+2,y,z 1.0000000000 0.0000000000 0.0000000000 5.3485354296  0.0000000000 1.0000000000 0.0000000000 4.6294272335  0.0000000000 0.0000000000 1.0000000000 -6.4604931892 
5 'crystal symmetry operation' 1_355 x-2,y,z 1.0000000000 0.0000000000 0.0000000000 -5.3485354296 0.0000000000 1.0000000000 0.0000000000 -4.6294272335 0.0000000000 0.0000000000 1.0000000000 6.4604931892 
# 
loop_
_pdbx_refine_tls.pdbx_refine_id 
_pdbx_refine_tls.id 
_pdbx_refine_tls.details 
_pdbx_refine_tls.method 
_pdbx_refine_tls.origin_x 
_pdbx_refine_tls.origin_y 
_pdbx_refine_tls.origin_z 
_pdbx_refine_tls.T[1][1] 
_pdbx_refine_tls.T[2][2] 
_pdbx_refine_tls.T[3][3] 
_pdbx_refine_tls.T[1][2] 
_pdbx_refine_tls.T[1][3] 
_pdbx_refine_tls.T[2][3] 
_pdbx_refine_tls.L[1][1] 
_pdbx_refine_tls.L[2][2] 
_pdbx_refine_tls.L[3][3] 
_pdbx_refine_tls.L[1][2] 
_pdbx_refine_tls.L[1][3] 
_pdbx_refine_tls.L[2][3] 
_pdbx_refine_tls.S[1][1] 
_pdbx_refine_tls.S[2][2] 
_pdbx_refine_tls.S[3][3] 
_pdbx_refine_tls.S[1][2] 
_pdbx_refine_tls.S[1][3] 
_pdbx_refine_tls.S[2][3] 
_pdbx_refine_tls.S[2][1] 
_pdbx_refine_tls.S[3][1] 
_pdbx_refine_tls.S[3][2] 
'ELECTRON CRYSTALLOGRAPHY' 1 ? refined 0.5400  5.0552  3.0855  -0.0102 -0.0123 -0.0086 -0.0065 0.0015 0.0132 0.0455 -0.0079 -0.0351 -0.0202 -0.0238 0.0265 0.0021  0.0007 -0.0028 -0.0004 0.0037  0.0013  0.0034  -0.0029 -0.0029 
'ELECTRON CRYSTALLOGRAPHY' 2 ? refined -0.5566 -5.3842 -2.7206 -0.0162 -0.0151 -0.0193 -0.0054 0.0060 0.0139 0.0260 0.0196  -0.0456 0.0079  -0.0031 0.0029 -0.0026 0.0036 -0.0008 0.0054  -0.0037 -0.0018 -0.0056 0.0044  -0.0016  
# 
loop_
_pdbx_refine_tls_group.pdbx_refine_id 
_pdbx_refine_tls_group.id 
_pdbx_refine_tls_group.refine_tls_id 
_pdbx_refine_tls_group.beg_auth_asym_id 
_pdbx_refine_tls_group.beg_auth_seq_id 
_pdbx_refine_tls_group.end_auth_asym_id 
_pdbx_refine_tls_group.end_auth_seq_id 
_pdbx_refine_tls_group.selection_details 
_pdbx_refine_tls_group.beg_label_asym_id 
_pdbx_refine_tls_group.beg_label_seq_id 
_pdbx_refine_tls_group.end_label_asym_id 
_pdbx_refine_tls_group.end_label_seq_id 
_pdbx_refine_tls_group.selection 
'ELECTRON CRYSTALLOGRAPHY' 1 1 A 1 A 8 '{ A|* }' ? ? ? ? ? 
'ELECTRON CRYSTALLOGRAPHY' 2 2 B 1 B 8 '{ B|* }' ? ? ? ? ? 
# 
_em_3d_fitting.entry_id          6BZM 
_em_3d_fitting.id                1 
_em_3d_fitting.details           ? 
_em_3d_fitting.overall_b_value   8.0 
_em_3d_fitting.ref_protocol      OTHER 
_em_3d_fitting.ref_space         RECIPROCAL 
_em_3d_fitting.target_criteria   'maximum likelihood' 
_em_3d_fitting.method            ? 
# 
_em_3d_reconstruction.entry_id                    6BZM 
_em_3d_reconstruction.id                          1 
_em_3d_reconstruction.algorithm                   ? 
_em_3d_reconstruction.details                     
;Density map was obtained using measured diffraction intensities and the phases acquired from a crystallographic direct methods program, SHELXD.
;
_em_3d_reconstruction.refinement_type             ? 
_em_3d_reconstruction.image_processing_id         1 
_em_3d_reconstruction.num_class_averages          ? 
_em_3d_reconstruction.num_particles               ? 
_em_3d_reconstruction.resolution                  0.90 
_em_3d_reconstruction.resolution_method           'DIFFRACTION PATTERN/LAYERLINES' 
_em_3d_reconstruction.symmetry_type               '3D CRYSTAL' 
_em_3d_reconstruction.method                      ? 
_em_3d_reconstruction.nominal_pixel_size          ? 
_em_3d_reconstruction.actual_pixel_size           ? 
_em_3d_reconstruction.magnification_calibration   ? 
# 
_em_buffer.id            1 
_em_buffer.details       ? 
_em_buffer.pH            9.5 
_em_buffer.specimen_id   1 
_em_buffer.name          ? 
# 
_em_entity_assembly.id                   1 
_em_entity_assembly.parent_id            0 
_em_entity_assembly.details              ? 
_em_entity_assembly.name                 'A crystal containing protofilaments of an 8-residue segment of Nup98' 
_em_entity_assembly.source               NATURAL 
_em_entity_assembly.type                 COMPLEX 
_em_entity_assembly.entity_id_list       1 
_em_entity_assembly.synonym              ? 
_em_entity_assembly.oligomeric_details   ? 
# 
_em_image_scans.entry_id                6BZM 
_em_image_scans.id                      1 
_em_image_scans.dimension_height        4096 
_em_image_scans.dimension_width         4096 
_em_image_scans.frames_per_image        ? 
_em_image_scans.image_recording_id      1 
_em_image_scans.sampling_size           15.6 
_em_image_scans.scanner_model           ? 
_em_image_scans.used_frames_per_image   ? 
_em_image_scans.citation_id             ? 
_em_image_scans.number_digital_images   ? 
_em_image_scans.od_range                ? 
_em_image_scans.quant_bit_size          ? 
_em_image_scans.details                 ? 
# 
_em_imaging.id                              1 
_em_imaging.entry_id                        6BZM 
_em_imaging.accelerating_voltage            200 
_em_imaging.alignment_procedure             BASIC 
_em_imaging.c2_aperture_diameter            ? 
_em_imaging.calibrated_defocus_max          ? 
_em_imaging.calibrated_defocus_min          ? 
_em_imaging.calibrated_magnification        ? 
_em_imaging.cryogen                         NITROGEN 
_em_imaging.details                         ? 
_em_imaging.electron_source                 'FIELD EMISSION GUN' 
_em_imaging.illumination_mode               'FLOOD BEAM' 
_em_imaging.microscope_model                'FEI TECNAI 20' 
_em_imaging.mode                            DIFFRACTION 
_em_imaging.nominal_cs                      ? 
_em_imaging.nominal_defocus_max             ? 
_em_imaging.nominal_defocus_min             ? 
_em_imaging.nominal_magnification           ? 
_em_imaging.recording_temperature_maximum   100 
_em_imaging.recording_temperature_minimum   100 
_em_imaging.residual_tilt                   ? 
_em_imaging.specimen_holder_model           'GATAN 626 SINGLE TILT LIQUID NITROGEN CRYO TRANSFER HOLDER' 
_em_imaging.specimen_id                     1 
_em_imaging.citation_id                     ? 
_em_imaging.date                            ? 
_em_imaging.temperature                     ? 
_em_imaging.tilt_angle_min                  ? 
_em_imaging.tilt_angle_max                  ? 
_em_imaging.astigmatism                     ? 
_em_imaging.detector_distance               ? 
_em_imaging.electron_beam_tilt_params       ? 
_em_imaging.specimen_holder_type            ? 
# 
_em_sample_support.id               1 
_em_sample_support.specimen_id      1 
_em_sample_support.details          ? 
_em_sample_support.grid_material    COPPER 
_em_sample_support.grid_mesh_size   300 
_em_sample_support.grid_type        'Quantifoil R2/2' 
_em_sample_support.method           ? 
_em_sample_support.film_material    ? 
# 
_em_vitrification.id                    1 
_em_vitrification.specimen_id           1 
_em_vitrification.chamber_temperature   ? 
_em_vitrification.cryogen_name          ETHANE 
_em_vitrification.details               ? 
_em_vitrification.humidity              ? 
_em_vitrification.instrument            'FEI VITROBOT MARK IV' 
_em_vitrification.entry_id              6BZM 
_em_vitrification.citation_id           ? 
_em_vitrification.method                ? 
_em_vitrification.temp                  ? 
_em_vitrification.time_resolved_state   ? 
# 
_em_experiment.entry_id                6BZM 
_em_experiment.id                      1 
_em_experiment.aggregation_state       '3D ARRAY' 
_em_experiment.reconstruction_method   CRYSTALLOGRAPHY 
_em_experiment.entity_assembly_id      1 
# 
loop_
_chem_comp_atom.comp_id 
_chem_comp_atom.atom_id 
_chem_comp_atom.type_symbol 
_chem_comp_atom.pdbx_aromatic_flag 
_chem_comp_atom.pdbx_stereo_config 
_chem_comp_atom.pdbx_ordinal 
ASN N    N N N 1  
ASN CA   C N S 2  
ASN C    C N N 3  
ASN O    O N N 4  
ASN CB   C N N 5  
ASN CG   C N N 6  
ASN OD1  O N N 7  
ASN ND2  N N N 8  
ASN OXT  O N N 9  
ASN H    H N N 10 
ASN H2   H N N 11 
ASN HA   H N N 12 
ASN HB2  H N N 13 
ASN HB3  H N N 14 
ASN HD21 H N N 15 
ASN HD22 H N N 16 
ASN HXT  H N N 17 
GLY N    N N N 18 
GLY CA   C N N 19 
GLY C    C N N 20 
GLY O    O N N 21 
GLY OXT  O N N 22 
GLY H    H N N 23 
GLY H2   H N N 24 
GLY HA2  H N N 25 
GLY HA3  H N N 26 
GLY HXT  H N N 27 
HOH O    O N N 28 
HOH H1   H N N 29 
HOH H2   H N N 30 
PHE N    N N N 31 
PHE CA   C N S 32 
PHE C    C N N 33 
PHE O    O N N 34 
PHE CB   C N N 35 
PHE CG   C Y N 36 
PHE CD1  C Y N 37 
PHE CD2  C Y N 38 
PHE CE1  C Y N 39 
PHE CE2  C Y N 40 
PHE CZ   C Y N 41 
PHE OXT  O N N 42 
PHE H    H N N 43 
PHE H2   H N N 44 
PHE HA   H N N 45 
PHE HB2  H N N 46 
PHE HB3  H N N 47 
PHE HD1  H N N 48 
PHE HD2  H N N 49 
PHE HE1  H N N 50 
PHE HE2  H N N 51 
PHE HZ   H N N 52 
PHE HXT  H N N 53 
SER N    N N N 54 
SER CA   C N S 55 
SER C    C N N 56 
SER O    O N N 57 
SER CB   C N N 58 
SER OG   O N N 59 
SER OXT  O N N 60 
SER H    H N N 61 
SER H2   H N N 62 
SER HA   H N N 63 
SER HB2  H N N 64 
SER HB3  H N N 65 
SER HG   H N N 66 
SER HXT  H N N 67 
THR N    N N N 68 
THR CA   C N S 69 
THR C    C N N 70 
THR O    O N N 71 
THR CB   C N R 72 
THR OG1  O N N 73 
THR CG2  C N N 74 
THR OXT  O N N 75 
THR H    H N N 76 
THR H2   H N N 77 
THR HA   H N N 78 
THR HB   H N N 79 
THR HG1  H N N 80 
THR HG21 H N N 81 
THR HG22 H N N 82 
THR HG23 H N N 83 
THR HXT  H N N 84 
# 
loop_
_chem_comp_bond.comp_id 
_chem_comp_bond.atom_id_1 
_chem_comp_bond.atom_id_2 
_chem_comp_bond.value_order 
_chem_comp_bond.pdbx_aromatic_flag 
_chem_comp_bond.pdbx_stereo_config 
_chem_comp_bond.pdbx_ordinal 
ASN N   CA   sing N N 1  
ASN N   H    sing N N 2  
ASN N   H2   sing N N 3  
ASN CA  C    sing N N 4  
ASN CA  CB   sing N N 5  
ASN CA  HA   sing N N 6  
ASN C   O    doub N N 7  
ASN C   OXT  sing N N 8  
ASN CB  CG   sing N N 9  
ASN CB  HB2  sing N N 10 
ASN CB  HB3  sing N N 11 
ASN CG  OD1  doub N N 12 
ASN CG  ND2  sing N N 13 
ASN ND2 HD21 sing N N 14 
ASN ND2 HD22 sing N N 15 
ASN OXT HXT  sing N N 16 
GLY N   CA   sing N N 17 
GLY N   H    sing N N 18 
GLY N   H2   sing N N 19 
GLY CA  C    sing N N 20 
GLY CA  HA2  sing N N 21 
GLY CA  HA3  sing N N 22 
GLY C   O    doub N N 23 
GLY C   OXT  sing N N 24 
GLY OXT HXT  sing N N 25 
HOH O   H1   sing N N 26 
HOH O   H2   sing N N 27 
PHE N   CA   sing N N 28 
PHE N   H    sing N N 29 
PHE N   H2   sing N N 30 
PHE CA  C    sing N N 31 
PHE CA  CB   sing N N 32 
PHE CA  HA   sing N N 33 
PHE C   O    doub N N 34 
PHE C   OXT  sing N N 35 
PHE CB  CG   sing N N 36 
PHE CB  HB2  sing N N 37 
PHE CB  HB3  sing N N 38 
PHE CG  CD1  doub Y N 39 
PHE CG  CD2  sing Y N 40 
PHE CD1 CE1  sing Y N 41 
PHE CD1 HD1  sing N N 42 
PHE CD2 CE2  doub Y N 43 
PHE CD2 HD2  sing N N 44 
PHE CE1 CZ   doub Y N 45 
PHE CE1 HE1  sing N N 46 
PHE CE2 CZ   sing Y N 47 
PHE CE2 HE2  sing N N 48 
PHE CZ  HZ   sing N N 49 
PHE OXT HXT  sing N N 50 
SER N   CA   sing N N 51 
SER N   H    sing N N 52 
SER N   H2   sing N N 53 
SER CA  C    sing N N 54 
SER CA  CB   sing N N 55 
SER CA  HA   sing N N 56 
SER C   O    doub N N 57 
SER C   OXT  sing N N 58 
SER CB  OG   sing N N 59 
SER CB  HB2  sing N N 60 
SER CB  HB3  sing N N 61 
SER OG  HG   sing N N 62 
SER OXT HXT  sing N N 63 
THR N   CA   sing N N 64 
THR N   H    sing N N 65 
THR N   H2   sing N N 66 
THR CA  C    sing N N 67 
THR CA  CB   sing N N 68 
THR CA  HA   sing N N 69 
THR C   O    doub N N 70 
THR C   OXT  sing N N 71 
THR CB  OG1  sing N N 72 
THR CB  CG2  sing N N 73 
THR CB  HB   sing N N 74 
THR OG1 HG1  sing N N 75 
THR CG2 HG21 sing N N 76 
THR CG2 HG22 sing N N 77 
THR CG2 HG23 sing N N 78 
THR OXT HXT  sing N N 79 
# 
_em_3d_crystal_entity.id                    1 
_em_3d_crystal_entity.image_processing_id   1 
_em_3d_crystal_entity.angle_alpha           93.14 
_em_3d_crystal_entity.angle_beta            92.73 
_em_3d_crystal_entity.angle_gamma           97.15 
_em_3d_crystal_entity.length_a              4.79 
_em_3d_crystal_entity.length_b              18.24 
_em_3d_crystal_entity.length_c              26.44 
_em_3d_crystal_entity.space_group_name      P1 
_em_3d_crystal_entity.space_group_num       1 
# 
loop_
_em_buffer_component.buffer_id 
_em_buffer_component.id 
_em_buffer_component.concentration 
_em_buffer_component.concentration_units 
_em_buffer_component.formula 
_em_buffer_component.name 
1 1 0.1 M               C8H17NO3S CHES    
1 2 10  'percent (v/v)' C2H6O     ethanol 
# 
_em_crystal_formation.id                    1 
_em_crystal_formation.specimen_id           1 
_em_crystal_formation.atmosphere            air 
_em_crystal_formation.details               
;The peptide was solubilized by adding nano-pure H2O with 20% DMSO to achieve a concentration of 12 mg/mL. The peptide solution was immediately used for crystallization.  Crystals grew at room temperature by hanging drop vapor diffusion.
;
_em_crystal_formation.instrument            'hanging drop vapor diffusion' 
_em_crystal_formation.lipid_mixture         none 
_em_crystal_formation.lipid_protein_ratio   ? 
_em_crystal_formation.temperature           298 
_em_crystal_formation.time                  ? 
_em_crystal_formation.time_unit             ? 
# 
_em_ctf_correction.id                       1 
_em_ctf_correction.em_image_processing_id   1 
_em_ctf_correction.type                     NONE 
_em_ctf_correction.details                  ? 
# 
_em_diffraction.id                1 
_em_diffraction.camera_length     730 
_em_diffraction.imaging_id        1 
_em_diffraction.tilt_angle_list   ? 
# 
loop_
_em_diffraction_shell.id 
_em_diffraction_shell.em_diffraction_stats_id 
_em_diffraction_shell.fourier_space_coverage 
_em_diffraction_shell.high_resolution 
_em_diffraction_shell.low_resolution 
_em_diffraction_shell.multiplicity 
_em_diffraction_shell.num_structure_factors 
_em_diffraction_shell.phase_residual 
1 1 93.8 1.4289 18.0678 6.2 1551 41.61 
2 1 94.3 1.1342 1.4289  6.4 1525 48.66 
3 1 93.9 0.9909 1.1342  5.5 1544 36.54 
4 1 70.3 0.9003 0.9000  3.2 1179 43.94 
# 
_em_diffraction_stats.id                               1 
_em_diffraction_stats.details                          
;Phase statistics are not applicable. No imaging was used. The phases wwere obtained by a crystallographic direct methods program, SHELXD.
;
_em_diffraction_stats.image_processing_id              1 
_em_diffraction_stats.fourier_space_coverage           88.0 
_em_diffraction_stats.high_resolution                  0.90 
_em_diffraction_stats.num_intensities_measured         31674 
_em_diffraction_stats.num_structure_factors            5800 
_em_diffraction_stats.overall_phase_error              42.6 
_em_diffraction_stats.overall_phase_residual           42.6 
_em_diffraction_stats.phase_error_rejection_criteria   0 
_em_diffraction_stats.r_merge                          0.289 
_em_diffraction_stats.r_sym                            0.289 
# 
_em_entity_assembly_molwt.entity_assembly_id   1 
_em_entity_assembly_molwt.id                   1 
_em_entity_assembly_molwt.experimental_flag    NO 
_em_entity_assembly_molwt.units                ? 
_em_entity_assembly_molwt.value                ? 
# 
_em_entity_assembly_naturalsource.id                   1 
_em_entity_assembly_naturalsource.entity_assembly_id   1 
_em_entity_assembly_naturalsource.cell                 ? 
_em_entity_assembly_naturalsource.cellular_location    ? 
_em_entity_assembly_naturalsource.ncbi_tax_id          9606 
_em_entity_assembly_naturalsource.organ                ? 
_em_entity_assembly_naturalsource.organelle            ? 
_em_entity_assembly_naturalsource.organism             'Homo sapiens' 
_em_entity_assembly_naturalsource.strain               ? 
_em_entity_assembly_naturalsource.tissue               ? 
# 
_em_image_processing.id                   1 
_em_image_processing.image_recording_id   1 
_em_image_processing.details              ? 
# 
_em_image_recording.id                            1 
_em_image_recording.imaging_id                    1 
_em_image_recording.avg_electron_dose_per_image   0.01 
_em_image_recording.average_exposure_time         2 
_em_image_recording.details                       'The detector was operated in rolling shutter mode with 2x2 pixel binning.' 
_em_image_recording.detector_mode                 ? 
_em_image_recording.film_or_detector_model        'TVIPS TEMCAM-F415 (4k x 4k)' 
_em_image_recording.num_diffraction_images        398 
_em_image_recording.num_grids_imaged              2 
_em_image_recording.num_real_images               ? 
# 
loop_
_em_software.id 
_em_software.category 
_em_software.details 
_em_software.name 
_em_software.version 
_em_software.image_processing_id 
_em_software.fitting_id 
_em_software.imaging_id 
1  'IMAGE ACQUISITION'             ? EM-Menu ?      ? ? 1 
2  MASKING                         ? ?       ?      ? ? ? 
3  'CTF CORRECTION'                ? ?       ?      1 ? ? 
4  'LAYERLINE INDEXING'            ? ?       ?      ? ? ? 
5  'DIFFRACTION INDEXING'          ? ?       ?      ? ? ? 
6  'MODEL FITTING'                 ? Coot    ?      ? 1 ? 
7  OTHER                           ? ?       ?      ? ? ? 
8  'MOLECULAR REPLACEMENT'         ? ?       ?      1 ? ? 
9  'LATTICE DISTORTION CORRECTION' ? ?       ?      1 ? ? 
10 'SYMMETRY DETERMINATION'        ? ?       ?      1 ? ? 
11 'CRYSTALLOGRAPHY MERGING'       ? ?       ?      1 ? ? 
12 RECONSTRUCTION                  ? SHELXD  2013/2 1 ? ? 
13 'MODEL REFINEMENT'              ? BUSTER  2.10.3 ? 1 ? 
# 
_em_specimen.id                      1 
_em_specimen.experiment_id           1 
_em_specimen.concentration           12 
_em_specimen.details                 crystal 
_em_specimen.embedding_applied       NO 
_em_specimen.shadowing_applied       NO 
_em_specimen.staining_applied        NO 
_em_specimen.vitrification_applied   YES 
# 
loop_
_pdbx_audit_support.funding_organization 
_pdbx_audit_support.country 
_pdbx_audit_support.grant_number 
_pdbx_audit_support.ordinal 
'Howard Hughes Medical Institute (HHMI)'               'United States' ?           1 
'National Institutes of Health/Office of the Director' 'United States' AG-04812    2 
'National Science Foundation (NSF, United States)'     'United States' MCB-0958111 3 
# 
_atom_sites.entry_id                    6BZM 
_atom_sites.fract_transf_matrix[1][1]   0.13764795 
_atom_sites.fract_transf_matrix[1][2]   0.08190803 
_atom_sites.fract_transf_matrix[1][3]   -0.13692380 
_atom_sites.fract_transf_matrix[2][1]   0.04557986 
_atom_sites.fract_transf_matrix[2][2]   -0.02338842 
_atom_sites.fract_transf_matrix[2][3]   0.02097526 
_atom_sites.fract_transf_matrix[3][1]   -0.00194199 
_atom_sites.fract_transf_matrix[3][2]   -0.03001641 
_atom_sites.fract_transf_matrix[3][3]   -0.02311675 
_atom_sites.fract_transf_vector[1]      0.692550 
_atom_sites.fract_transf_vector[2]      0.611368 
_atom_sites.fract_transf_vector[3]      0.892165 
# 
loop_
_atom_type.symbol 
C 
H 
N 
O 
# 
loop_
_atom_site.group_PDB 
_atom_site.id 
_atom_site.type_symbol 
_atom_site.label_atom_id 
_atom_site.label_alt_id 
_atom_site.label_comp_id 
_atom_site.label_asym_id 
_atom_site.label_entity_id 
_atom_site.label_seq_id 
_atom_site.pdbx_PDB_ins_code 
_atom_site.Cartn_x 
_atom_site.Cartn_y 
_atom_site.Cartn_z 
_atom_site.occupancy 
_atom_site.B_iso_or_equiv 
_atom_site.pdbx_formal_charge 
_atom_site.auth_seq_id 
_atom_site.auth_comp_id 
_atom_site.auth_asym_id 
_atom_site.auth_atom_id 
_atom_site.pdbx_PDB_model_num 
ATOM   1   N N    . GLY A 1 1 ? 7.291   7.162   6.662  1.00 9.54  ? 1   GLY A N    1 
ATOM   2   C CA   . GLY A 1 1 ? 6.398   6.046   6.402  1.00 5.08  ? 1   GLY A CA   1 
ATOM   3   C C    . GLY A 1 1 ? 6.670   5.419   5.042  1.00 4.09  ? 1   GLY A C    1 
ATOM   4   O O    . GLY A 1 1 ? 7.238   6.116   4.189  1.00 4.30  ? 1   GLY A O    1 
ATOM   5   H HA2  . GLY A 1 1 ? 6.527   5.309   7.194  1.00 9.23  ? 1   GLY A HA2  1 
ATOM   6   H HA3  . GLY A 1 1 ? 5.384   6.440   6.385  1.00 3.07  ? 1   GLY A HA3  1 
ATOM   7   N N    . PHE A 1 2 ? 6.169   4.247   4.710  1.00 3.07  ? 2   PHE A N    1 
ATOM   8   C CA   . PHE A 1 2 ? 6.338   3.618   3.421  1.00 3.07  ? 2   PHE A CA   1 
ATOM   9   C C    . PHE A 1 2 ? 5.204   2.672   3.035  1.00 3.35  ? 2   PHE A C    1 
ATOM   10  O O    . PHE A 1 2 ? 4.568   2.053   3.909  1.00 3.08  ? 2   PHE A O    1 
ATOM   11  C CB   . PHE A 1 2 ? 7.673   2.920   3.284  1.00 3.07  ? 2   PHE A CB   1 
ATOM   12  C CG   . PHE A 1 2 ? 7.876   1.817   4.280  1.00 3.18  ? 2   PHE A CG   1 
ATOM   13  C CD1  . PHE A 1 2 ? 8.443   2.094   5.533  1.00 3.58  ? 2   PHE A CD1  1 
ATOM   14  C CD2  . PHE A 1 2 ? 7.658   0.476   3.919  1.00 3.17  ? 2   PHE A CD2  1 
ATOM   15  C CE1  . PHE A 1 2 ? 8.629   1.073   6.458  1.00 3.82  ? 2   PHE A CE1  1 
ATOM   16  C CE2  . PHE A 1 2 ? 7.860   -0.542  4.870  1.00 4.85  ? 2   PHE A CE2  1 
ATOM   17  C CZ   . PHE A 1 2 ? 8.332   -0.216  6.109  1.00 4.88  ? 2   PHE A CZ   1 
ATOM   18  H H    . PHE A 1 2 ? 5.630   3.672   5.354  1.00 7.19  ? 2   PHE A H    1 
ATOM   19  H HA   . PHE A 1 2 ? 6.302   4.417   2.684  1.00 3.19  ? 2   PHE A HA   1 
ATOM   20  H HB2  . PHE A 1 2 ? 7.745   2.439   2.310  1.00 3.07  ? 2   PHE A HB2  1 
ATOM   21  H HB3  . PHE A 1 2 ? 8.484   3.634   3.420  1.00 7.56  ? 2   PHE A HB3  1 
ATOM   22  H HD1  . PHE A 1 2 ? 8.651   3.100   5.894  1.00 3.06  ? 2   PHE A HD1  1 
ATOM   23  H HD2  . PHE A 1 2 ? 7.250   0.215   2.945  1.00 7.34  ? 2   PHE A HD2  1 
ATOM   24  H HE1  . PHE A 1 2 ? 8.991   1.333   7.449  1.00 8.37  ? 2   PHE A HE1  1 
ATOM   25  H HE2  . PHE A 1 2 ? 7.627   -1.572  4.605  1.00 9.99  ? 2   PHE A HE2  1 
ATOM   26  H HZ   . PHE A 1 2 ? 8.492   -1.013  6.835  1.00 9.10  ? 2   PHE A HZ   1 
ATOM   27  N N    . GLY A 1 3 ? 4.972   2.502   1.738  1.00 3.40  ? 3   GLY A N    1 
ATOM   28  C CA   . GLY A 1 3 ? 3.949   1.571   1.286  1.00 3.09  ? 3   GLY A CA   1 
ATOM   29  C C    . GLY A 1 3 ? 2.571   1.923   1.765  1.00 3.18  ? 3   GLY A C    1 
ATOM   30  O O    . GLY A 1 3 ? 1.799   1.008   2.035  1.00 3.13  ? 3   GLY A O    1 
ATOM   31  H H    . GLY A 1 3 ? 5.473   2.986   0.999  1.00 4.24  ? 3   GLY A H    1 
ATOM   32  H HA2  . GLY A 1 3 ? 3.966   1.435   0.207  1.00 5.28  ? 3   GLY A HA2  1 
ATOM   33  H HA3  . GLY A 1 3 ? 4.166   0.617   1.762  1.00 3.27  ? 3   GLY A HA3  1 
ATOM   34  N N    . ASN A 1 4 ? 2.289   3.218   2.037  1.00 3.09  ? 4   ASN A N    1 
ATOM   35  C CA   . ASN A 1 4 ? 0.978   3.683   2.489  1.00 3.10  ? 4   ASN A CA   1 
ATOM   36  C C    . ASN A 1 4 ? 0.171   4.203   1.297  1.00 3.10  ? 4   ASN A C    1 
ATOM   37  O O    . ASN A 1 4 ? 0.707   4.772   0.313  1.00 3.25  ? 4   ASN A O    1 
ATOM   38  C CB   . ASN A 1 4 ? 1.089   4.743   3.480  1.00 3.10  ? 4   ASN A CB   1 
ATOM   39  C CG   . ASN A 1 4 ? 1.767   4.255   4.722  1.00 3.09  ? 4   ASN A CG   1 
ATOM   40  O OD1  . ASN A 1 4 ? 1.325   3.279   5.322  1.00 3.09  ? 4   ASN A OD1  1 
ATOM   41  N ND2  . ASN A 1 4 ? 2.832   4.912   5.139  1.00 6.78  ? 4   ASN A ND2  1 
ATOM   42  H H    . ASN A 1 4 ? 2.948   3.985   1.921  1.00 4.22  ? 4   ASN A H    1 
ATOM   43  H HA   . ASN A 1 4 ? 0.452   2.850   2.956  1.00 3.87  ? 4   ASN A HA   1 
ATOM   44  H HB2  . ASN A 1 4 ? 1.732   5.519   3.064  1.00 3.09  ? 4   ASN A HB2  1 
ATOM   45  H HB3  . ASN A 1 4 ? 0.124   5.170   3.737  1.00 5.45  ? 4   ASN A HB3  1 
ATOM   46  H HD21 . ASN A 1 4 ? 3.324   4.589   5.966  1.00 10.34 ? 4   ASN A HD21 1 
ATOM   47  H HD22 . ASN A 1 4 ? 3.168   5.737   4.651  1.00 6.81  ? 4   ASN A HD22 1 
ATOM   48  N N    . PHE A 1 5 ? -1.093  3.914   1.333  1.00 3.10  ? 5   PHE A N    1 
ATOM   49  C CA   . PHE A 1 5 ? -2.000  4.273   0.255  1.00 3.10  ? 5   PHE A CA   1 
ATOM   50  C C    . PHE A 1 5 ? -3.057  5.169   0.866  1.00 3.10  ? 5   PHE A C    1 
ATOM   51  O O    . PHE A 1 5 ? -3.868  4.724   1.673  1.00 3.10  ? 5   PHE A O    1 
ATOM   52  C CB   . PHE A 1 5 ? -2.585  2.988   -0.350 1.00 4.27  ? 5   PHE A CB   1 
ATOM   53  C CG   . PHE A 1 5 ? -3.449  3.173   -1.576 1.00 3.10  ? 5   PHE A CG   1 
ATOM   54  C CD1  . PHE A 1 5 ? -4.742  3.610   -1.459 1.00 4.44  ? 5   PHE A CD1  1 
ATOM   55  C CD2  . PHE A 1 5 ? -2.984  2.817   -2.841 1.00 3.11  ? 5   PHE A CD2  1 
ATOM   56  C CE1  . PHE A 1 5 ? -5.492  3.916   -2.601 1.00 5.78  ? 5   PHE A CE1  1 
ATOM   57  C CE2  . PHE A 1 5 ? -3.783  3.016   -3.966 1.00 6.14  ? 5   PHE A CE2  1 
ATOM   58  C CZ   . PHE A 1 5 ? -5.046  3.496   -3.830 1.00 4.83  ? 5   PHE A CZ   1 
ATOM   59  H H    . PHE A 1 5 ? -1.543  3.432   2.107  1.00 3.10  ? 5   PHE A H    1 
ATOM   60  H HA   . PHE A 1 5 ? -1.485  4.824   -0.532 1.00 3.42  ? 5   PHE A HA   1 
ATOM   61  H HB2  . PHE A 1 5 ? -1.763  2.324   -0.613 1.00 7.23  ? 5   PHE A HB2  1 
ATOM   62  H HB3  . PHE A 1 5 ? -3.224  2.496   0.384  1.00 8.36  ? 5   PHE A HB3  1 
ATOM   63  H HD1  . PHE A 1 5 ? -5.065  4.041   -0.512 1.00 3.10  ? 5   PHE A HD1  1 
ATOM   64  H HD2  . PHE A 1 5 ? -1.986  2.385   -2.925 1.00 3.83  ? 5   PHE A HD2  1 
ATOM   65  H HE1  . PHE A 1 5 ? -6.500  4.318   -2.501 1.00 9.41  ? 5   PHE A HE1  1 
ATOM   66  H HE2  . PHE A 1 5 ? -3.431  2.713   -4.951 1.00 8.81  ? 5   PHE A HE2  1 
ATOM   67  H HZ   . PHE A 1 5 ? -5.671  3.668   -4.702 1.00 9.76  ? 5   PHE A HZ   1 
ATOM   68  N N    . GLY A 1 6 ? -3.154  6.414   0.370  1.00 3.11  ? 6   GLY A N    1 
ATOM   69  C CA   . GLY A 1 6 ? -4.220  7.346   0.747  1.00 3.57  ? 6   GLY A CA   1 
ATOM   70  C C    . GLY A 1 6 ? -4.372  7.716   2.236  1.00 6.31  ? 6   GLY A C    1 
ATOM   71  O O    . GLY A 1 6 ? -5.491  8.031   2.667  1.00 6.18  ? 6   GLY A O    1 
ATOM   72  H H    . GLY A 1 6 ? -2.498  6.806   -0.299 1.00 4.31  ? 6   GLY A H    1 
ATOM   73  H HA2  . GLY A 1 6 ? -4.103  8.268   0.180  1.00 5.66  ? 6   GLY A HA2  1 
ATOM   74  H HA3  . GLY A 1 6 ? -5.148  6.903   0.391  1.00 3.38  ? 6   GLY A HA3  1 
ATOM   75  N N    . THR A 1 7 ? -3.279  7.683   3.007  1.00 4.74  ? 7   THR A N    1 
ATOM   76  C CA   . THR A 1 7 ? -3.343  7.999   4.437  1.00 6.43  ? 7   THR A CA   1 
ATOM   77  C C    . THR A 1 7 ? -3.256  9.495   4.679  1.00 13.29 ? 7   THR A C    1 
ATOM   78  O O    . THR A 1 7 ? -2.667  10.239  3.867  1.00 9.27  ? 7   THR A O    1 
ATOM   79  C CB   . THR A 1 7 ? -2.170  7.320   5.124  1.00 11.09 ? 7   THR A CB   1 
ATOM   80  O OG1  . THR A 1 7 ? -0.970  7.862   4.586  1.00 10.17 ? 7   THR A OG1  1 
ATOM   81  C CG2  . THR A 1 7 ? -2.169  5.792   4.914  1.00 12.89 ? 7   THR A CG2  1 
ATOM   82  H H    . THR A 1 7 ? -2.343  7.499   2.666  1.00 7.37  ? 7   THR A H    1 
ATOM   83  H HA   . THR A 1 7 ? -4.266  7.589   4.842  1.00 5.37  ? 7   THR A HA   1 
ATOM   84  H HB   . THR A 1 7 ? -2.208  7.534   6.191  1.00 12.23 ? 7   THR A HB   1 
ATOM   85  H HG1  . THR A 1 7 ? -0.184  7.328   4.873  1.00 13.29 ? 7   THR A HG1  1 
ATOM   86  H HG21 . THR A 1 7 ? -3.119  5.353   5.213  1.00 10.64 ? 7   THR A HG21 1 
ATOM   87  H HG22 . THR A 1 7 ? -1.378  5.354   5.519  1.00 14.00 ? 7   THR A HG22 1 
ATOM   88  H HG23 . THR A 1 7 ? -2.004  5.539   3.868  1.00 13.99 ? 7   THR A HG23 1 
ATOM   89  N N    . SER A 1 8 ? -3.809  9.942   5.808  1.00 15.31 ? 8   SER A N    1 
ATOM   90  C CA   . SER A 1 8 ? -3.720  11.335  6.243  1.00 20.48 ? 8   SER A CA   1 
ATOM   91  C C    . SER A 1 8 ? -3.082  11.405  7.632  1.00 36.38 ? 8   SER A C    1 
ATOM   92  O O    . SER A 1 8 ? -3.421  10.568  8.495  1.00 40.36 ? 8   SER A O    1 
ATOM   93  C CB   . SER A 1 8 ? -5.086  12.015  6.214  1.00 26.09 ? 8   SER A CB   1 
ATOM   94  O OG   . SER A 1 8 ? -5.984  11.474  7.168  1.00 37.97 ? 8   SER A OG   1 
ATOM   95  O OXT  . SER A 1 8 ? -2.198  12.263  7.838  1.00 59.41 ? 8   SER A OXT  1 
ATOM   96  H H    . SER A 1 8 ? -4.337  9.352   6.444  1.00 17.11 ? 8   SER A H    1 
ATOM   97  H HA   . SER A 1 8 ? -3.069  11.897  5.577  1.00 20.54 ? 8   SER A HA   1 
ATOM   98  H HB2  . SER A 1 8 ? -4.944  13.075  6.423  1.00 26.10 ? 8   SER A HB2  1 
ATOM   99  H HB3  . SER A 1 8 ? -5.516  11.894  5.221  1.00 26.06 ? 8   SER A HB3  1 
ATOM   100 H HG   . SER A 1 8 ? -6.544  12.195  7.558  1.00 37.81 ? 8   SER A HG   1 
ATOM   101 N N    . GLY B 1 1 ? -5.116  -5.846  -8.876 1.00 13.29 ? 1   GLY B N    1 
ATOM   102 C CA   . GLY B 1 1 ? -5.481  -5.177  -7.637 1.00 10.15 ? 1   GLY B CA   1 
ATOM   103 C C    . GLY B 1 1 ? -4.755  -3.878  -7.340 1.00 7.41  ? 1   GLY B C    1 
ATOM   104 O O    . GLY B 1 1 ? -3.892  -3.459  -8.129 1.00 8.96  ? 1   GLY B O    1 
ATOM   105 H HA2  . GLY B 1 1 ? -6.554  -4.993  -7.632 1.00 8.41  ? 1   GLY B HA2  1 
ATOM   106 H HA3  . GLY B 1 1 ? -5.218  -5.894  -6.861 1.00 4.46  ? 1   GLY B HA3  1 
ATOM   107 N N    . PHE B 1 2 ? -5.153  -3.154  -6.297 1.00 3.00  ? 2   PHE B N    1 
ATOM   108 C CA   . PHE B 1 2 ? -4.552  -1.902  -5.924 1.00 3.06  ? 2   PHE B CA   1 
ATOM   109 C C    . PHE B 1 2 ? -4.355  -1.779  -4.431 1.00 3.00  ? 2   PHE B C    1 
ATOM   110 O O    . PHE B 1 2 ? -5.051  -2.388  -3.614 1.00 3.00  ? 2   PHE B O    1 
ATOM   111 C CB   . PHE B 1 2 ? -5.346  -0.745  -6.459 1.00 3.79  ? 2   PHE B CB   1 
ATOM   112 C CG   . PHE B 1 2 ? -6.727  -0.687  -5.909 1.00 3.00  ? 2   PHE B CG   1 
ATOM   113 C CD1  . PHE B 1 2 ? -7.019  0.143   -4.851 1.00 3.83  ? 2   PHE B CD1  1 
ATOM   114 C CD2  . PHE B 1 2 ? -7.773  -1.314  -6.567 1.00 3.03  ? 2   PHE B CD2  1 
ATOM   115 C CE1  . PHE B 1 2 ? -8.317  0.257   -4.400 1.00 5.75  ? 2   PHE B CE1  1 
ATOM   116 C CE2  . PHE B 1 2 ? -9.044  -1.214  -6.104 1.00 3.00  ? 2   PHE B CE2  1 
ATOM   117 C CZ   . PHE B 1 2 ? -9.330  -0.365  -5.097 1.00 3.18  ? 2   PHE B CZ   1 
ATOM   118 H H    . PHE B 1 2 ? -5.898  -3.452  -5.672 1.00 3.00  ? 2   PHE B H    1 
ATOM   119 H HA   . PHE B 1 2 ? -3.566  -1.864  -6.378 1.00 3.35  ? 2   PHE B HA   1 
ATOM   120 H HB2  . PHE B 1 2 ? -4.864  0.188   -6.173 1.00 6.59  ? 2   PHE B HB2  1 
ATOM   121 H HB3  . PHE B 1 2 ? -5.404  -0.851  -7.540 1.00 7.36  ? 2   PHE B HB3  1 
ATOM   122 H HD1  . PHE B 1 2 ? -6.224  0.716   -4.377 1.00 7.46  ? 2   PHE B HD1  1 
ATOM   123 H HD2  . PHE B 1 2 ? -7.591  -1.988  -7.401 1.00 3.00  ? 2   PHE B HD2  1 
ATOM   124 H HE1  . PHE B 1 2 ? -8.532  0.940   -3.580 1.00 6.26  ? 2   PHE B HE1  1 
ATOM   125 H HE2  . PHE B 1 2 ? -9.842  -1.737  -6.627 1.00 8.70  ? 2   PHE B HE2  1 
ATOM   126 H HZ   . PHE B 1 2 ? -10.348 -0.295  -4.713 1.00 6.11  ? 2   PHE B HZ   1 
ATOM   127 N N    . GLY B 1 3 ? -3.372  -0.971  -4.046 1.00 3.00  ? 3   GLY B N    1 
ATOM   128 C CA   . GLY B 1 3 ? -3.207  -0.673  -2.643 1.00 3.51  ? 3   GLY B CA   1 
ATOM   129 C C    . GLY B 1 3 ? -2.812  -1.847  -1.782 1.00 3.00  ? 3   GLY B C    1 
ATOM   130 O O    . GLY B 1 3 ? -3.217  -1.923  -0.618 1.00 4.03  ? 3   GLY B O    1 
ATOM   131 H H    . GLY B 1 3 ? -2.680  -0.560  -4.664 1.00 3.90  ? 3   GLY B H    1 
ATOM   132 H HA2  . GLY B 1 3 ? -2.440  0.085   -2.499 1.00 8.21  ? 3   GLY B HA2  1 
ATOM   133 H HA3  . GLY B 1 3 ? -4.137  -0.277  -2.243 1.00 3.00  ? 3   GLY B HA3  1 
ATOM   134 N N    . ASN B 1 4 ? -2.129  -2.824  -2.411 1.00 3.00  ? 4   ASN B N    1 
ATOM   135 C CA   . ASN B 1 4 ? -1.652  -4.050  -1.760 1.00 3.00  ? 4   ASN B CA   1 
ATOM   136 C C    . ASN B 1 4 ? -0.219  -3.893  -1.376 1.00 3.00  ? 4   ASN B C    1 
ATOM   137 O O    . ASN B 1 4 ? 0.590   -3.294  -2.077 1.00 3.00  ? 4   ASN B O    1 
ATOM   138 C CB   . ASN B 1 4 ? -1.849  -5.241  -2.658 1.00 3.00  ? 4   ASN B CB   1 
ATOM   139 C CG   . ASN B 1 4 ? -3.333  -5.463  -2.948 1.00 4.99  ? 4   ASN B CG   1 
ATOM   140 O OD1  . ASN B 1 4 ? -4.156  -5.664  -2.049 1.00 3.30  ? 4   ASN B OD1  1 
ATOM   141 N ND2  . ASN B 1 4 ? -3.746  -5.230  -4.208 1.00 7.94  ? 4   ASN B ND2  1 
ATOM   142 H H    . ASN B 1 4 ? -1.852  -2.790  -3.386 1.00 9.19  ? 4   ASN B H    1 
ATOM   143 H HA   . ASN B 1 4 ? -2.277  -4.190  -0.877 1.00 3.00  ? 4   ASN B HA   1 
ATOM   144 H HB2  . ASN B 1 4 ? -1.308  -5.137  -3.600 1.00 3.00  ? 4   ASN B HB2  1 
ATOM   145 H HB3  . ASN B 1 4 ? -1.466  -6.120  -2.138 1.00 4.83  ? 4   ASN B HB3  1 
ATOM   146 H HD21 . ASN B 1 4 ? -4.725  -5.339  -4.452 1.00 3.00  ? 4   ASN B HD21 1 
ATOM   147 H HD22 . ASN B 1 4 ? -3.101  -4.847  -4.894 1.00 10.51 ? 4   ASN B HD22 1 
ATOM   148 N N    . PHE B 1 5 ? 0.093   -4.400  -0.182 1.00 3.00  ? 5   PHE B N    1 
ATOM   149 C CA   . PHE B 1 5 ? 1.413   -4.374  0.335  1.00 3.00  ? 5   PHE B CA   1 
ATOM   150 C C    . PHE B 1 5 ? 1.880   -5.777  0.560  1.00 3.00  ? 5   PHE B C    1 
ATOM   151 O O    . PHE B 1 5 ? 1.251   -6.502  1.322  1.00 3.00  ? 5   PHE B O    1 
ATOM   152 C CB   . PHE B 1 5 ? 1.411   -3.575  1.606  1.00 3.00  ? 5   PHE B CB   1 
ATOM   153 C CG   . PHE B 1 5 ? 2.753   -3.404  2.242  1.00 3.00  ? 5   PHE B CG   1 
ATOM   154 C CD1  . PHE B 1 5 ? 3.372   -4.456  2.937  1.00 3.00  ? 5   PHE B CD1  1 
ATOM   155 C CD2  . PHE B 1 5 ? 3.422   -2.182  2.173  1.00 3.00  ? 5   PHE B CD2  1 
ATOM   156 C CE1  . PHE B 1 5 ? 4.650   -4.294  3.452  1.00 3.89  ? 5   PHE B CE1  1 
ATOM   157 C CE2  . PHE B 1 5 ? 4.661   -2.007  2.763  1.00 3.00  ? 5   PHE B CE2  1 
ATOM   158 C CZ   . PHE B 1 5 ? 5.296   -3.052  3.395  1.00 3.00  ? 5   PHE B CZ   1 
ATOM   159 H H    . PHE B 1 5 ? -0.586  -4.812  0.454  1.00 3.00  ? 5   PHE B H    1 
ATOM   160 H HA   . PHE B 1 5 ? 2.080   -3.861  -0.357 1.00 5.55  ? 5   PHE B HA   1 
ATOM   161 H HB2  . PHE B 1 5 ? 1.011   -2.591  1.378  1.00 3.14  ? 5   PHE B HB2  1 
ATOM   162 H HB3  . PHE B 1 5 ? 0.759   -4.064  2.332  1.00 3.00  ? 5   PHE B HB3  1 
ATOM   163 H HD1  . PHE B 1 5 ? 2.909   -5.439  3.017  1.00 8.26  ? 5   PHE B HD1  1 
ATOM   164 H HD2  . PHE B 1 5 ? 2.967   -1.359  1.622  1.00 3.38  ? 5   PHE B HD2  1 
ATOM   165 H HE1  . PHE B 1 5 ? 5.136   -5.116  3.976  1.00 7.42  ? 5   PHE B HE1  1 
ATOM   166 H HE2  . PHE B 1 5 ? 5.182   -1.052  2.663  1.00 3.00  ? 5   PHE B HE2  1 
ATOM   167 H HZ   . PHE B 1 5 ? 6.298   -2.958  3.800  1.00 3.00  ? 5   PHE B HZ   1 
ATOM   168 N N    . GLY B 1 6 ? 2.947   -6.178  -0.146 1.00 3.00  ? 6   GLY B N    1 
ATOM   169 C CA   . GLY B 1 6 ? 3.524   -7.507  0.047  1.00 3.48  ? 6   GLY B CA   1 
ATOM   170 C C    . GLY B 1 6 ? 3.925   -8.244  -1.210 1.00 4.98  ? 6   GLY B C    1 
ATOM   171 O O    . GLY B 1 6 ? 4.497   -7.636  -2.115 1.00 3.84  ? 6   GLY B O    1 
ATOM   172 H H    . GLY B 1 6 ? 3.469   -5.581  -0.782 1.00 3.00  ? 6   GLY B H    1 
ATOM   173 H HA2  . GLY B 1 6 ? 4.398   -7.424  0.690  1.00 6.40  ? 6   GLY B HA2  1 
ATOM   174 H HA3  . GLY B 1 6 ? 2.795   -8.129  0.564  1.00 5.60  ? 6   GLY B HA3  1 
ATOM   175 N N    . THR B 1 7 ? 3.606   -9.542  -1.367 1.00 5.41  ? 7   THR B N    1 
ATOM   176 C CA   . THR B 1 7 ? 3.970   -10.366 -2.518 1.00 3.56  ? 7   THR B CA   1 
ATOM   177 C C    . THR B 1 7 ? 2.754   -11.060 -3.126 1.00 10.77 ? 7   THR B C    1 
ATOM   178 O O    . THR B 1 7 ? 1.854   -11.474 -2.385 1.00 10.73 ? 7   THR B O    1 
ATOM   179 C CB   . THR B 1 7 ? 5.093   -11.336 -2.169 1.00 12.70 ? 7   THR B CB   1 
ATOM   180 O OG1  . THR B 1 7 ? 4.531   -12.379 -1.364 1.00 13.60 ? 7   THR B OG1  1 
ATOM   181 C CG2  . THR B 1 7 ? 6.259   -10.665 -1.443 1.00 15.90 ? 7   THR B CG2  1 
ATOM   182 H H    . THR B 1 7 ? 3.060   -10.062 -0.685 1.00 9.46  ? 7   THR B H    1 
ATOM   183 H HA   . THR B 1 7 ? 4.373   -9.736  -3.308 1.00 3.00  ? 7   THR B HA   1 
ATOM   184 H HB   . THR B 1 7 ? 5.488   -11.778 -3.082 1.00 14.78 ? 7   THR B HB   1 
ATOM   185 H HG1  . THR B 1 7 ? 5.227   -12.789 -0.787 1.00 12.61 ? 7   THR B HG1  1 
ATOM   186 H HG21 . THR B 1 7 ? 6.661   -9.850  -2.042 1.00 17.54 ? 7   THR B HG21 1 
ATOM   187 H HG22 . THR B 1 7 ? 7.055   -11.387 -1.260 1.00 13.68 ? 7   THR B HG22 1 
ATOM   188 H HG23 . THR B 1 7 ? 5.928   -10.263 -0.488 1.00 13.96 ? 7   THR B HG23 1 
ATOM   189 N N    . SER B 1 8 ? 2.711   -11.176 -4.467 1.00 9.94  ? 8   SER B N    1 
ATOM   190 C CA   . SER B 1 8 ? 1.607   -11.820 -5.181 1.00 13.62 ? 8   SER B CA   1 
ATOM   191 C C    . SER B 1 8 ? 2.085   -12.439 -6.491 1.00 17.03 ? 8   SER B C    1 
ATOM   192 O O    . SER B 1 8 ? 3.316   -12.530 -6.708 1.00 12.97 ? 8   SER B O    1 
ATOM   193 C CB   . SER B 1 8 ? 0.483   -10.818 -5.448 1.00 17.74 ? 8   SER B CB   1 
ATOM   194 O OG   . SER B 1 8 ? 0.917   -9.767  -6.296 1.00 27.50 ? 8   SER B OG   1 
ATOM   195 O OXT  . SER B 1 8 ? 1.222   -12.839 -7.307 1.00 43.19 ? 8   SER B OXT  1 
ATOM   196 H H    . SER B 1 8 ? 3.420   -10.797 -5.088 1.00 10.00 ? 8   SER B H    1 
ATOM   197 H HA   . SER B 1 8 ? 1.195   -12.618 -4.565 1.00 13.95 ? 8   SER B HA   1 
ATOM   198 H HB2  . SER B 1 8 ? -0.360  -11.328 -5.913 1.00 17.99 ? 8   SER B HB2  1 
ATOM   199 H HB3  . SER B 1 8 ? 0.165   -10.385 -4.500 1.00 18.24 ? 8   SER B HB3  1 
ATOM   200 H HG   . SER B 1 8 ? 0.131   -9.337  -6.725 1.00 27.61 ? 8   SER B HG   1 
HETATM 201 O O    A HOH C 2 . ? -0.019  -0.209  0.242  0.50 10.58 ? 101 HOH A O    1 
HETATM 202 O O    B HOH C 2 . ? 0.734   0.479   -1.236 0.50 9.32  ? 101 HOH A O    1 
HETATM 203 O O    . HOH D 2 . ? 5.816   -12.358 -5.811 1.00 18.83 ? 101 HOH B O    1 
# 
loop_
_atom_site_anisotrop.id 
_atom_site_anisotrop.type_symbol 
_atom_site_anisotrop.pdbx_label_atom_id 
_atom_site_anisotrop.pdbx_label_alt_id 
_atom_site_anisotrop.pdbx_label_comp_id 
_atom_site_anisotrop.pdbx_label_asym_id 
_atom_site_anisotrop.pdbx_label_seq_id 
_atom_site_anisotrop.pdbx_PDB_ins_code 
_atom_site_anisotrop.U[1][1] 
_atom_site_anisotrop.U[2][2] 
_atom_site_anisotrop.U[3][3] 
_atom_site_anisotrop.U[1][2] 
_atom_site_anisotrop.U[1][3] 
_atom_site_anisotrop.U[2][3] 
_atom_site_anisotrop.pdbx_auth_seq_id 
_atom_site_anisotrop.pdbx_auth_comp_id 
_atom_site_anisotrop.pdbx_auth_asym_id 
_atom_site_anisotrop.pdbx_auth_atom_id 
1   N N    . GLY A 1 ? 0.1214 0.1184 0.1227 -0.0065 0.0016  0.0119 1 GLY A N    
2   C CA   . GLY A 1 ? 0.0650 0.0621 0.0661 -0.0066 0.0015  0.0122 1 GLY A CA   
3   C C    . GLY A 1 ? 0.0505 0.0514 0.0534 -0.0042 -0.0007 0.0083 1 GLY A C    
4   O O    . GLY A 1 ? 0.0535 0.0537 0.0563 -0.0045 -0.0003 0.0088 1 GLY A O    
5   H HA2  . GLY A 1 ? 0.1175 0.1147 0.1183 -0.0066 0.0014  0.0122 1 GLY A HA2  
6   H HA3  . GLY A 1 ? 0.0381 0.0392 0.0393 -0.0006 -0.0005 0.0013 1 GLY A HA3  
7   N N    . PHE A 2 ? 0.0382 0.0392 0.0392 -0.0006 -0.0006 0.0013 2 PHE A N    
8   C CA   . PHE A 2 ? 0.0383 0.0393 0.0393 -0.0006 -0.0006 0.0013 2 PHE A CA   
9   C C    . PHE A 2 ? 0.0417 0.0428 0.0429 -0.0006 -0.0006 0.0014 2 PHE A C    
10  O O    . PHE A 2 ? 0.0383 0.0394 0.0395 -0.0006 -0.0006 0.0015 2 PHE A O    
11  C CB   . PHE A 2 ? 0.0382 0.0392 0.0391 -0.0006 -0.0006 0.0012 2 PHE A CB   
12  C CG   . PHE A 2 ? 0.0397 0.0406 0.0405 -0.0006 -0.0006 0.0011 2 PHE A CG   
13  C CD1  . PHE A 2 ? 0.0429 0.0467 0.0465 -0.0026 -0.0026 0.0050 2 PHE A CD1  
14  C CD2  . PHE A 2 ? 0.0396 0.0405 0.0405 -0.0006 -0.0006 0.0012 2 PHE A CD2  
15  C CE1  . PHE A 2 ? 0.0465 0.0492 0.0495 -0.0035 -0.0021 0.0065 2 PHE A CE1  
16  C CE2  . PHE A 2 ? 0.0620 0.0595 0.0629 -0.0075 0.0006  0.0126 2 PHE A CE2  
17  C CZ   . PHE A 2 ? 0.0624 0.0599 0.0632 -0.0073 0.0006  0.0123 2 PHE A CZ   
18  H H    . PHE A 2 ? 0.0916 0.0890 0.0926 -0.0069 0.0011  0.0126 2 PHE A H    
19  H HA   . PHE A 2 ? 0.0397 0.0407 0.0407 -0.0006 -0.0006 0.0013 2 PHE A HA   
20  H HB2  . PHE A 2 ? 0.0383 0.0391 0.0392 -0.0006 -0.0006 0.0012 2 PHE A HB2  
21  H HB3  . PHE A 2 ? 0.0966 0.0932 0.0975 -0.0071 0.0008  0.0123 2 PHE A HB3  
22  H HD1  . PHE A 2 ? 0.0382 0.0390 0.0389 -0.0005 -0.0005 0.0010 2 PHE A HD1  
23  H HD2  . PHE A 2 ? 0.0934 0.0909 0.0947 -0.0075 0.0006  0.0127 2 PHE A HD2  
24  H HE1  . PHE A 2 ? 0.1069 0.1039 0.1071 -0.0071 0.0008  0.0122 2 PHE A HE1  
25  H HE2  . PHE A 2 ? 0.1268 0.1246 0.1281 -0.0077 0.0006  0.0127 2 PHE A HE2  
26  H HZ   . PHE A 2 ? 0.1160 0.1134 0.1164 -0.0074 0.0007  0.0125 2 PHE A HZ   
27  N N    . GLY A 3 ? 0.0408 0.0442 0.0443 -0.0019 -0.0019 0.0043 3 GLY A N    
28  C CA   . GLY A 3 ? 0.0382 0.0396 0.0395 -0.0007 -0.0007 0.0016 3 GLY A CA   
29  C C    . GLY A 3 ? 0.0386 0.0411 0.0412 -0.0012 -0.0012 0.0031 3 GLY A C    
30  O O    . GLY A 3 ? 0.0386 0.0401 0.0401 -0.0007 -0.0007 0.0017 3 GLY A O    
31  H H    . GLY A 3 ? 0.0539 0.0516 0.0555 -0.0070 0.0009  0.0129 3 GLY A H    
32  H HA2  . GLY A 3 ? 0.0666 0.0652 0.0687 -0.0071 0.0009  0.0131 3 GLY A HA2  
33  H HA3  . GLY A 3 ? 0.0406 0.0419 0.0419 -0.0007 -0.0007 0.0016 3 GLY A HA3  
34  N N    . ASN A 4 ? 0.0382 0.0395 0.0397 -0.0006 -0.0007 0.0017 4 ASN A N    
35  C CA   . ASN A 4 ? 0.0382 0.0397 0.0398 -0.0006 -0.0007 0.0017 4 ASN A CA   
36  C C    . ASN A 4 ? 0.0382 0.0397 0.0398 -0.0006 -0.0007 0.0018 4 ASN A C    
37  O O    . ASN A 4 ? 0.0397 0.0417 0.0419 -0.0008 -0.0008 0.0023 4 ASN A O    
38  C CB   . ASN A 4 ? 0.0382 0.0396 0.0397 -0.0006 -0.0007 0.0017 4 ASN A CB   
39  C CG   . ASN A 4 ? 0.0383 0.0396 0.0396 -0.0006 -0.0006 0.0016 4 ASN A CG   
40  O OD1  . ASN A 4 ? 0.0383 0.0397 0.0397 -0.0006 -0.0006 0.0017 4 ASN A OD1  
41  N ND2  . ASN A 4 ? 0.0862 0.0839 0.0874 -0.0067 0.0014  0.0129 4 ASN A ND2  
42  H H    . ASN A 4 ? 0.0521 0.0530 0.0553 -0.0048 -0.0004 0.0100 4 ASN A H    
43  H HA   . ASN A 4 ? 0.0480 0.0495 0.0496 -0.0006 -0.0007 0.0017 4 ASN A HA   
44  H HB2  . ASN A 4 ? 0.0382 0.0396 0.0397 -0.0006 -0.0007 0.0017 4 ASN A HB2  
45  H HB3  . ASN A 4 ? 0.0692 0.0671 0.0707 -0.0066 0.0016  0.0133 4 ASN A HB3  
46  H HD21 . ASN A 4 ? 0.1314 0.1290 0.1325 -0.0067 0.0014  0.0128 4 ASN A HD21 
47  H HD22 . ASN A 4 ? 0.0865 0.0843 0.0880 -0.0066 0.0015  0.0129 4 ASN A HD22 
48  N N    . PHE A 5 ? 0.0382 0.0398 0.0399 -0.0006 -0.0007 0.0018 5 PHE A N    
49  C CA   . PHE A 5 ? 0.0382 0.0398 0.0400 -0.0006 -0.0006 0.0019 5 PHE A CA   
50  C C    . PHE A 5 ? 0.0382 0.0398 0.0400 -0.0006 -0.0006 0.0019 5 PHE A C    
51  O O    . PHE A 5 ? 0.0382 0.0398 0.0400 -0.0006 -0.0006 0.0018 5 PHE A O    
52  C CB   . PHE A 5 ? 0.0517 0.0544 0.0561 -0.0039 -0.0004 0.0095 5 PHE A CB   
53  C CG   . PHE A 5 ? 0.0382 0.0398 0.0400 -0.0006 -0.0006 0.0019 5 PHE A CG   
54  C CD1  . PHE A 5 ? 0.0545 0.0560 0.0582 -0.0047 0.0007  0.0113 5 PHE A CD1  
55  C CD2  . PHE A 5 ? 0.0382 0.0399 0.0400 -0.0006 -0.0006 0.0019 5 PHE A CD2  
56  C CE1  . PHE A 5 ? 0.0723 0.0724 0.0751 -0.0057 0.0018  0.0133 5 PHE A CE1  
57  C CE2  . PHE A 5 ? 0.0766 0.0772 0.0796 -0.0057 0.0015  0.0133 5 PHE A CE2  
58  C CZ   . PHE A 5 ? 0.0600 0.0605 0.0630 -0.0056 0.0017  0.0133 5 PHE A CZ   
59  H H    . PHE A 5 ? 0.0382 0.0397 0.0398 -0.0006 -0.0007 0.0018 5 PHE A H    
60  H HA   . PHE A 5 ? 0.0397 0.0448 0.0454 -0.0023 -0.0017 0.0068 5 PHE A HA   
61  H HB2  . PHE A 5 ? 0.0909 0.0904 0.0935 -0.0063 0.0014  0.0134 5 PHE A HB2  
62  H HB3  . PHE A 5 ? 0.1053 0.1045 0.1077 -0.0063 0.0015  0.0133 5 PHE A HB3  
63  H HD1  . PHE A 5 ? 0.0381 0.0398 0.0400 -0.0005 -0.0005 0.0019 5 PHE A HD1  
64  H HD2  . PHE A 5 ? 0.0474 0.0491 0.0492 -0.0006 -0.0006 0.0019 5 PHE A HD2  
65  H HE1  . PHE A 5 ? 0.1182 0.1183 0.1210 -0.0055 0.0019  0.0133 5 PHE A HE1  
66  H HE2  . PHE A 5 ? 0.1100 0.1112 0.1134 -0.0057 0.0014  0.0133 5 PHE A HE2  
67  H HZ   . PHE A 5 ? 0.1223 0.1232 0.1254 -0.0054 0.0017  0.0133 5 PHE A HZ   
68  N N    . GLY A 6 ? 0.0382 0.0400 0.0401 -0.0006 -0.0006 0.0020 6 GLY A N    
69  C CA   . GLY A 6 ? 0.0423 0.0464 0.0468 -0.0013 -0.0013 0.0046 6 GLY A CA   
70  C C    . GLY A 6 ? 0.0799 0.0780 0.0819 -0.0063 0.0020  0.0135 6 GLY A C    
71  O O    . GLY A 6 ? 0.0783 0.0763 0.0802 -0.0063 0.0020  0.0135 6 GLY A O    
72  H H    . GLY A 6 ? 0.0523 0.0548 0.0566 -0.0036 -0.0003 0.0094 6 GLY A H    
73  H HA2  . GLY A 6 ? 0.0714 0.0700 0.0736 -0.0061 0.0021  0.0136 6 GLY A HA2  
74  H HA3  . GLY A 6 ? 0.0395 0.0442 0.0447 -0.0014 -0.0015 0.0052 6 GLY A HA3  
75  N N    . THR A 7 ? 0.0600 0.0580 0.0619 -0.0063 0.0019  0.0134 7 THR A N    
76  C CA   . THR A 7 ? 0.0815 0.0795 0.0835 -0.0065 0.0020  0.0133 7 THR A CA   
77  C C    . THR A 7 ? 0.1684 0.1663 0.1704 -0.0065 0.0021  0.0132 7 THR A C    
78  O O    . THR A 7 ? 0.1172 0.1151 0.1197 -0.0064 0.0022  0.0133 7 THR A O    
79  C CB   . THR A 7 ? 0.1407 0.1385 0.1423 -0.0064 0.0019  0.0132 7 THR A CB   
80  O OG1  . THR A 7 ? 0.1289 0.1268 0.1308 -0.0065 0.0018  0.0132 7 THR A OG1  
81  C CG2  . THR A 7 ? 0.1634 0.1614 0.1650 -0.0065 0.0017  0.0132 7 THR A CG2  
82  H H    . THR A 7 ? 0.0933 0.0913 0.0952 -0.0063 0.0019  0.0134 7 THR A H    
83  H HA   . THR A 7 ? 0.0682 0.0660 0.0699 -0.0064 0.0020  0.0133 7 THR A HA   
84  H HB   . THR A 7 ? 0.1551 0.1530 0.1568 -0.0065 0.0018  0.0131 7 THR A HB   
85  H HG1  . THR A 7 ? 0.1686 0.1663 0.1702 -0.0066 0.0018  0.0132 7 THR A HG1  
86  H HG21 . THR A 7 ? 0.1350 0.1329 0.1366 -0.0065 0.0018  0.0132 7 THR A HG21 
87  H HG22 . THR A 7 ? 0.1776 0.1754 0.1790 -0.0065 0.0017  0.0132 7 THR A HG22 
88  H HG23 . THR A 7 ? 0.1773 0.1754 0.1789 -0.0065 0.0017  0.0133 7 THR A HG23 
89  N N    . SER A 8 ? 0.1939 0.1917 0.1961 -0.0066 0.0022  0.0132 8 SER A N    
90  C CA   . SER A 8 ? 0.2593 0.2572 0.2619 -0.0066 0.0023  0.0131 8 SER A CA   
91  C C    . SER A 8 ? 0.4606 0.4586 0.4631 -0.0066 0.0022  0.0129 8 SER A C    
92  O O    . SER A 8 ? 0.5111 0.5091 0.5133 -0.0066 0.0022  0.0129 8 SER A O    
93  C CB   . SER A 8 ? 0.3302 0.3282 0.3329 -0.0067 0.0024  0.0131 8 SER A CB   
94  O OG   . SER A 8 ? 0.4808 0.4787 0.4832 -0.0068 0.0023  0.0131 8 SER A OG   
95  O OXT  . SER A 8 ? 0.7520 0.7503 0.7550 -0.0066 0.0024  0.0127 8 SER A OXT  
96  H H    . SER A 8 ? 0.2169 0.2146 0.2187 -0.0066 0.0021  0.0131 8 SER A H    
97  H HA   . SER A 8 ? 0.2599 0.2579 0.2627 -0.0066 0.0024  0.0132 8 SER A HA   
98  H HB2  . SER A 8 ? 0.3302 0.3283 0.3333 -0.0068 0.0025  0.0131 8 SER A HB2  
99  H HB3  . SER A 8 ? 0.3298 0.3278 0.3325 -0.0066 0.0024  0.0133 8 SER A HB3  
100 H HG   . SER A 8 ? 0.4788 0.4766 0.4814 -0.0068 0.0023  0.0131 8 SER A HG   
101 N N    . GLY B 1 ? 0.1694 0.1706 0.1649 -0.0064 0.0055  0.0138 1 GLY B N    
102 C CA   . GLY B 1 ? 0.1296 0.1307 0.1253 -0.0064 0.0054  0.0141 1 GLY B CA   
103 C C    . GLY B 1 ? 0.0947 0.0962 0.0906 -0.0063 0.0055  0.0141 1 GLY B C    
104 O O    . GLY B 1 ? 0.1144 0.1159 0.1101 -0.0063 0.0056  0.0141 1 GLY B O    
105 H HA2  . GLY B 1 ? 0.1075 0.1088 0.1033 -0.0065 0.0053  0.0141 1 GLY B HA2  
106 H HA3  . GLY B 1 ? 0.0575 0.0587 0.0535 -0.0062 0.0054  0.0140 1 GLY B HA3  
107 N N    . PHE B 2 ? 0.0380 0.0380 0.0380 0.0000  0.0000  0.0000 2 PHE B N    
108 C CA   . PHE B 2 ? 0.0388 0.0388 0.0388 0.0000  0.0000  0.0000 2 PHE B CA   
109 C C    . PHE B 2 ? 0.0380 0.0380 0.0380 0.0000  0.0000  0.0000 2 PHE B C    
110 O O    . PHE B 2 ? 0.0380 0.0380 0.0380 0.0000  0.0000  0.0000 2 PHE B O    
111 C CB   . PHE B 2 ? 0.0447 0.0511 0.0485 -0.0010 -0.0008 0.0050 2 PHE B CB   
112 C CG   . PHE B 2 ? 0.0380 0.0380 0.0380 0.0000  0.0000  0.0000 2 PHE B CG   
113 C CD1  . PHE B 2 ? 0.0450 0.0516 0.0490 -0.0011 -0.0008 0.0054 2 PHE B CD1  
114 C CD2  . PHE B 2 ? 0.0384 0.0384 0.0384 0.0000  0.0000  0.0000 2 PHE B CD2  
115 C CE1  . PHE B 2 ? 0.0729 0.0750 0.0706 -0.0066 0.0049  0.0150 2 PHE B CE1  
116 C CE2  . PHE B 2 ? 0.0380 0.0380 0.0380 0.0000  0.0000  0.0000 2 PHE B CE2  
117 C CZ   . PHE B 2 ? 0.0403 0.0403 0.0403 0.0000  0.0000  0.0000 2 PHE B CZ   
118 H H    . PHE B 2 ? 0.0380 0.0380 0.0380 0.0000  0.0000  0.0000 2 PHE B H    
119 H HA   . PHE B 2 ? 0.0392 0.0454 0.0427 -0.0011 -0.0003 0.0055 2 PHE B HA   
120 H HB2  . PHE B 2 ? 0.0835 0.0861 0.0807 -0.0063 0.0053  0.0147 2 PHE B HB2  
121 H HB3  . PHE B 2 ? 0.0937 0.0959 0.0902 -0.0065 0.0053  0.0146 2 PHE B HB3  
122 H HD1  . PHE B 2 ? 0.0945 0.0970 0.0921 -0.0063 0.0051  0.0149 2 PHE B HD1  
123 H HD2  . PHE B 2 ? 0.0380 0.0380 0.0380 0.0000  0.0000  0.0000 2 PHE B HD2  
124 H HE1  . PHE B 2 ? 0.0792 0.0816 0.0773 -0.0066 0.0049  0.0151 2 PHE B HE1  
125 H HE2  . PHE B 2 ? 0.1109 0.1122 0.1075 -0.0069 0.0048  0.0148 2 PHE B HE2  
126 H HZ   . PHE B 2 ? 0.0777 0.0793 0.0752 -0.0069 0.0047  0.0151 2 PHE B HZ   
127 N N    . GLY B 3 ? 0.0380 0.0380 0.0380 0.0000  0.0000  0.0000 3 GLY B N    
128 C CA   . GLY B 3 ? 0.0417 0.0467 0.0450 -0.0003 -0.0003 0.0042 3 GLY B CA   
129 C C    . GLY B 3 ? 0.0380 0.0380 0.0380 0.0000  0.0000  0.0000 3 GLY B C    
130 O O    . GLY B 3 ? 0.0478 0.0537 0.0515 -0.0010 0.0005  0.0067 3 GLY B O    
131 H H    . GLY B 3 ? 0.0477 0.0521 0.0484 -0.0032 0.0026  0.0100 3 GLY B H    
132 H HA2  . GLY B 3 ? 0.1038 0.1064 0.1017 -0.0055 0.0056  0.0146 3 GLY B HA2  
133 H HA3  . GLY B 3 ? 0.0380 0.0380 0.0380 0.0000  0.0000  0.0000 3 GLY B HA3  
134 N N    . ASN B 4 ? 0.0380 0.0380 0.0380 0.0000  0.0000  0.0000 4 ASN B N    
135 C CA   . ASN B 4 ? 0.0380 0.0380 0.0380 0.0000  0.0000  0.0000 4 ASN B CA   
136 C C    . ASN B 4 ? 0.0380 0.0380 0.0380 0.0000  0.0000  0.0000 4 ASN B C    
137 O O    . ASN B 4 ? 0.0380 0.0380 0.0380 0.0000  0.0000  0.0000 4 ASN B O    
138 C CB   . ASN B 4 ? 0.0380 0.0380 0.0380 0.0000  0.0000  0.0000 4 ASN B CB   
139 C CG   . ASN B 4 ? 0.0633 0.0651 0.0612 -0.0049 0.0048  0.0128 4 ASN B CG   
140 O OD1  . ASN B 4 ? 0.0410 0.0425 0.0420 -0.0001 -0.0001 0.0012 4 ASN B OD1  
141 N ND2  . ASN B 4 ? 0.1013 0.1026 0.0979 -0.0059 0.0056  0.0141 4 ASN B ND2  
142 H H    . ASN B 4 ? 0.1169 0.1185 0.1138 -0.0055 0.0057  0.0142 4 ASN B H    
143 H HA   . ASN B 4 ? 0.0380 0.0380 0.0380 0.0000  0.0000  0.0000 4 ASN B HA   
144 H HB2  . ASN B 4 ? 0.0380 0.0380 0.0380 0.0000  0.0000  0.0000 4 ASN B HB2  
145 H HB3  . ASN B 4 ? 0.0593 0.0633 0.0608 -0.0021 0.0021  0.0082 4 ASN B HB3  
146 H HD21 . ASN B 4 ? 0.0380 0.0380 0.0380 0.0000  0.0000  0.0000 4 ASN B HD21 
147 H HD22 . ASN B 4 ? 0.1338 0.1351 0.1302 -0.0058 0.0057  0.0141 4 ASN B HD22 
148 N N    . PHE B 5 ? 0.0380 0.0380 0.0380 0.0000  0.0000  0.0000 5 PHE B N    
149 C CA   . PHE B 5 ? 0.0380 0.0380 0.0380 0.0000  0.0000  0.0000 5 PHE B CA   
150 C C    . PHE B 5 ? 0.0380 0.0380 0.0380 0.0000  0.0000  0.0000 5 PHE B C    
151 O O    . PHE B 5 ? 0.0380 0.0380 0.0380 0.0000  0.0000  0.0000 5 PHE B O    
152 C CB   . PHE B 5 ? 0.0380 0.0380 0.0380 0.0000  0.0000  0.0000 5 PHE B CB   
153 C CG   . PHE B 5 ? 0.0380 0.0380 0.0380 0.0000  0.0000  0.0000 5 PHE B CG   
154 C CD1  . PHE B 5 ? 0.0380 0.0380 0.0380 0.0000  0.0000  0.0000 5 PHE B CD1  
155 C CD2  . PHE B 5 ? 0.0380 0.0380 0.0380 0.0000  0.0000  0.0000 5 PHE B CD2  
156 C CE1  . PHE B 5 ? 0.0461 0.0511 0.0504 0.0000  0.0012  0.0064 5 PHE B CE1  
157 C CE2  . PHE B 5 ? 0.0380 0.0380 0.0380 0.0000  0.0000  0.0000 5 PHE B CE2  
158 C CZ   . PHE B 5 ? 0.0380 0.0380 0.0380 0.0000  0.0000  0.0000 5 PHE B CZ   
159 H H    . PHE B 5 ? 0.0380 0.0380 0.0380 0.0000  0.0000  0.0000 5 PHE B H    
160 H HA   . PHE B 5 ? 0.0706 0.0719 0.0683 -0.0048 0.0061  0.0140 5 PHE B HA   
161 H HB2  . PHE B 5 ? 0.0381 0.0409 0.0403 0.0001  0.0001  0.0025 5 PHE B HB2  
162 H HB3  . PHE B 5 ? 0.0380 0.0380 0.0380 0.0000  0.0000  0.0000 5 PHE B HB3  
163 H HD1  . PHE B 5 ? 0.1049 0.1059 0.1031 -0.0046 0.0059  0.0141 5 PHE B HD1  
164 H HD2  . PHE B 5 ? 0.0428 0.0428 0.0428 0.0000  0.0000  0.0000 5 PHE B HD2  
165 H HE1  . PHE B 5 ? 0.0942 0.0949 0.0929 -0.0043 0.0060  0.0139 5 PHE B HE1  
166 H HE2  . PHE B 5 ? 0.0380 0.0380 0.0380 0.0000  0.0000  0.0000 5 PHE B HE2  
167 H HZ   . PHE B 5 ? 0.0380 0.0380 0.0380 0.0000  0.0000  0.0000 5 PHE B HZ   
168 N N    . GLY B 6 ? 0.0380 0.0380 0.0380 0.0000  0.0000  0.0000 6 GLY B N    
169 C CA   . GLY B 6 ? 0.0433 0.0446 0.0444 0.0001  0.0001  0.0012 6 GLY B CA   
170 C C    . GLY B 6 ? 0.0636 0.0640 0.0614 -0.0051 0.0064  0.0134 6 GLY B C    
171 O O    . GLY B 6 ? 0.0467 0.0502 0.0491 -0.0012 0.0019  0.0067 6 GLY B O    
172 H H    . GLY B 6 ? 0.0380 0.0380 0.0380 0.0000  0.0000  0.0000 6 GLY B H    
173 H HA2  . GLY B 6 ? 0.0815 0.0819 0.0797 -0.0048 0.0062  0.0136 6 GLY B HA2  
174 H HA3  . GLY B 6 ? 0.0714 0.0720 0.0695 -0.0050 0.0062  0.0137 6 GLY B HA3  
175 N N    . THR B 7 ? 0.0690 0.0694 0.0670 -0.0053 0.0063  0.0133 7 THR B N    
176 C CA   . THR B 7 ? 0.0435 0.0460 0.0457 0.0002  0.0001  0.0023 7 THR B CA   
177 C C    . THR B 7 ? 0.1370 0.1374 0.1348 -0.0056 0.0065  0.0131 7 THR B C    
178 O O    . THR B 7 ? 0.1363 0.1369 0.1344 -0.0056 0.0064  0.0132 7 THR B O    
179 C CB   . THR B 7 ? 0.1613 0.1614 0.1598 -0.0055 0.0066  0.0130 7 THR B CB   
180 O OG1  . THR B 7 ? 0.1726 0.1727 0.1712 -0.0055 0.0065  0.0131 7 THR B OG1  
181 C CG2  . THR B 7 ? 0.2019 0.2017 0.2005 -0.0054 0.0066  0.0131 7 THR B CG2  
182 H H    . THR B 7 ? 0.1203 0.1207 0.1184 -0.0053 0.0063  0.0134 7 THR B H    
183 H HA   . THR B 7 ? 0.0380 0.0380 0.0380 0.0000  0.0000  0.0000 7 THR B HA   
184 H HB   . THR B 7 ? 0.1878 0.1878 0.1862 -0.0057 0.0067  0.0128 7 THR B HB   
185 H HG1  . THR B 7 ? 0.1600 0.1600 0.1591 -0.0055 0.0065  0.0130 7 THR B HG1  
186 H HG21 . THR B 7 ? 0.2227 0.2224 0.2211 -0.0054 0.0067  0.0130 7 THR B HG21 
187 H HG22 . THR B 7 ? 0.1738 0.1734 0.1727 -0.0055 0.0067  0.0129 7 THR B HG22 
188 H HG23 . THR B 7 ? 0.1773 0.1772 0.1759 -0.0052 0.0065  0.0132 7 THR B HG23 
189 N N    . SER B 8 ? 0.1265 0.1270 0.1241 -0.0058 0.0066  0.0129 8 SER B N    
190 C CA   . SER B 8 ? 0.1731 0.1737 0.1706 -0.0060 0.0065  0.0129 8 SER B CA   
191 C C    . SER B 8 ? 0.2164 0.2169 0.2138 -0.0061 0.0067  0.0126 8 SER B C    
192 O O    . SER B 8 ? 0.1650 0.1654 0.1625 -0.0062 0.0068  0.0125 8 SER B O    
193 C CB   . SER B 8 ? 0.2254 0.2261 0.2225 -0.0059 0.0064  0.0130 8 SER B CB   
194 O OG   . SER B 8 ? 0.3491 0.3498 0.3458 -0.0059 0.0064  0.0130 8 SER B OG   
195 O OXT  . SER B 8 ? 0.5477 0.5484 0.5450 -0.0062 0.0066  0.0125 8 SER B OXT  
196 H H    . SER B 8 ? 0.1274 0.1278 0.1249 -0.0058 0.0066  0.0128 8 SER B H    
197 H HA   . SER B 8 ? 0.1772 0.1779 0.1750 -0.0059 0.0064  0.0128 8 SER B HA   
198 H HB2  . SER B 8 ? 0.2285 0.2294 0.2255 -0.0060 0.0063  0.0129 8 SER B HB2  
199 H HB3  . SER B 8 ? 0.2316 0.2324 0.2288 -0.0058 0.0062  0.0132 8 SER B HB3  
200 H HG   . SER B 8 ? 0.3506 0.3515 0.3471 -0.0060 0.0063  0.0131 8 SER B HG   
# 
